data_1QSU
# 
_entry.id   1QSU 
# 
_audit_conform.dict_name       mmcif_pdbx.dic 
_audit_conform.dict_version    5.403 
_audit_conform.dict_location   http://mmcif.pdb.org/dictionaries/ascii/mmcif_pdbx.dic 
# 
loop_
_database_2.database_id 
_database_2.database_code 
_database_2.pdbx_database_accession 
_database_2.pdbx_DOI 
PDB   1QSU         pdb_00001qsu 10.2210/pdb1qsu/pdb 
RCSB  RCSB009224   ?            ?                   
WWPDB D_1000009224 ?            ?                   
# 
loop_
_pdbx_audit_revision_history.ordinal 
_pdbx_audit_revision_history.data_content_type 
_pdbx_audit_revision_history.major_revision 
_pdbx_audit_revision_history.minor_revision 
_pdbx_audit_revision_history.revision_date 
_pdbx_audit_revision_history.part_number 
1 'Structure model' 1 0 2000-08-30 ? 
2 'Structure model' 1 1 2008-04-27 ? 
3 'Structure model' 1 2 2011-07-13 ? 
4 'Structure model' 1 3 2018-04-18 ? 
5 'Structure model' 1 4 2025-03-26 ? 
# 
_pdbx_audit_revision_details.ordinal             1 
_pdbx_audit_revision_details.revision_ordinal    1 
_pdbx_audit_revision_details.data_content_type   'Structure model' 
_pdbx_audit_revision_details.provider            repository 
_pdbx_audit_revision_details.type                'Initial release' 
_pdbx_audit_revision_details.description         ? 
_pdbx_audit_revision_details.details             ? 
# 
loop_
_pdbx_audit_revision_group.ordinal 
_pdbx_audit_revision_group.revision_ordinal 
_pdbx_audit_revision_group.data_content_type 
_pdbx_audit_revision_group.group 
1 2 'Structure model' 'Version format compliance' 
2 3 'Structure model' 'Version format compliance' 
3 4 'Structure model' 'Data collection'           
4 5 'Structure model' 'Data collection'           
5 5 'Structure model' 'Database references'       
6 5 'Structure model' 'Derived calculations'      
7 5 'Structure model' 'Structure summary'         
# 
loop_
_pdbx_audit_revision_category.ordinal 
_pdbx_audit_revision_category.revision_ordinal 
_pdbx_audit_revision_category.data_content_type 
_pdbx_audit_revision_category.category 
1 4 'Structure model' diffrn_detector           
2 5 'Structure model' chem_comp_atom            
3 5 'Structure model' chem_comp_bond            
4 5 'Structure model' database_2                
5 5 'Structure model' pdbx_entry_details        
6 5 'Structure model' pdbx_modification_feature 
7 5 'Structure model' struct_conn               
# 
loop_
_pdbx_audit_revision_item.ordinal 
_pdbx_audit_revision_item.revision_ordinal 
_pdbx_audit_revision_item.data_content_type 
_pdbx_audit_revision_item.item 
1 4 'Structure model' '_diffrn_detector.detector'           
2 5 'Structure model' '_database_2.pdbx_DOI'                
3 5 'Structure model' '_database_2.pdbx_database_accession' 
4 5 'Structure model' '_struct_conn.pdbx_leaving_atom_flag' 
# 
_pdbx_database_status.status_code                     REL 
_pdbx_database_status.entry_id                        1QSU 
_pdbx_database_status.recvd_initial_deposition_date   1999-06-23 
_pdbx_database_status.deposit_site                    RCSB 
_pdbx_database_status.process_site                    RCSB 
_pdbx_database_status.status_code_sf                  REL 
_pdbx_database_status.SG_entry                        . 
_pdbx_database_status.pdb_format_compatible           Y 
_pdbx_database_status.status_code_mr                  ? 
_pdbx_database_status.status_code_cs                  ? 
_pdbx_database_status.methods_development_category    ? 
_pdbx_database_status.status_code_nmr_data            ? 
# 
loop_
_audit_author.name 
_audit_author.pdbx_ordinal 
'Kramer, R.Z.'  1 
'Venugopal, M.' 2 
'Bella, J.'     3 
'Brodsky, B.'   4 
'Berman, H.M.'  5 
# 
_citation.id                        primary 
_citation.title                     
'Staggered molecular packing in crystals of a collagen-like peptide with a single charged pair.' 
_citation.journal_abbrev            J.Mol.Biol. 
_citation.journal_volume            301 
_citation.page_first                1191 
_citation.page_last                 1205 
_citation.year                      2000 
_citation.journal_id_ASTM           JMOBAK 
_citation.country                   UK 
_citation.journal_id_ISSN           0022-2836 
_citation.journal_id_CSD            0070 
_citation.book_publisher            ? 
_citation.pdbx_database_id_PubMed   10966815 
_citation.pdbx_database_id_DOI      10.1006/jmbi.2000.4017 
# 
loop_
_citation_author.citation_id 
_citation_author.name 
_citation_author.ordinal 
_citation_author.identifier_ORCID 
primary 'Kramer, R.Z.'    1 ? 
primary 'Venugopal, M.G.' 2 ? 
primary 'Bella, J.'       3 ? 
primary 'Mayville, P.'    4 ? 
primary 'Brodsky, B.'     5 ? 
primary 'Berman, H.M.'    6 ? 
# 
loop_
_entity.id 
_entity.type 
_entity.src_method 
_entity.pdbx_description 
_entity.formula_weight 
_entity.pdbx_number_of_molecules 
_entity.pdbx_ec 
_entity.pdbx_mutation 
_entity.pdbx_fragment 
_entity.details 
1 polymer syn 'PROTEIN ((PRO-HYP-GLY)4- GLU-LYS-GLY(PRO-HYP-GLY)5)' 2738.892 3   ? ? ? ? 
2 water   nat water                                                 18.015   153 ? ? ? ? 
# 
_entity_poly.entity_id                      1 
_entity_poly.type                           'polypeptide(L)' 
_entity_poly.nstd_linkage                   no 
_entity_poly.nstd_monomer                   yes 
_entity_poly.pdbx_seq_one_letter_code       'P(HYP)GP(HYP)GP(HYP)GP(HYP)GEKGP(HYP)GP(HYP)GP(HYP)GP(HYP)GP(HYP)G' 
_entity_poly.pdbx_seq_one_letter_code_can   PPGPPGPPGPPGEKGPPGPPGPPGPPGPPG 
_entity_poly.pdbx_strand_id                 A,B,C 
_entity_poly.pdbx_target_identifier         ? 
# 
_pdbx_entity_nonpoly.entity_id   2 
_pdbx_entity_nonpoly.name        water 
_pdbx_entity_nonpoly.comp_id     HOH 
# 
loop_
_entity_poly_seq.entity_id 
_entity_poly_seq.num 
_entity_poly_seq.mon_id 
_entity_poly_seq.hetero 
1 1  PRO n 
1 2  HYP n 
1 3  GLY n 
1 4  PRO n 
1 5  HYP n 
1 6  GLY n 
1 7  PRO n 
1 8  HYP n 
1 9  GLY n 
1 10 PRO n 
1 11 HYP n 
1 12 GLY n 
1 13 GLU n 
1 14 LYS n 
1 15 GLY n 
1 16 PRO n 
1 17 HYP n 
1 18 GLY n 
1 19 PRO n 
1 20 HYP n 
1 21 GLY n 
1 22 PRO n 
1 23 HYP n 
1 24 GLY n 
1 25 PRO n 
1 26 HYP n 
1 27 GLY n 
1 28 PRO n 
1 29 HYP n 
1 30 GLY n 
# 
_pdbx_entity_src_syn.entity_id              1 
_pdbx_entity_src_syn.pdbx_src_id            1 
_pdbx_entity_src_syn.pdbx_alt_source_flag   sample 
_pdbx_entity_src_syn.pdbx_beg_seq_num       ? 
_pdbx_entity_src_syn.pdbx_end_seq_num       ? 
_pdbx_entity_src_syn.organism_scientific    ? 
_pdbx_entity_src_syn.organism_common_name   ? 
_pdbx_entity_src_syn.ncbi_taxonomy_id       ? 
_pdbx_entity_src_syn.details                'Collagen-like model sequence.' 
# 
loop_
_chem_comp.id 
_chem_comp.type 
_chem_comp.mon_nstd_flag 
_chem_comp.name 
_chem_comp.pdbx_synonyms 
_chem_comp.formula 
_chem_comp.formula_weight 
GLU 'L-peptide linking' y 'GLUTAMIC ACID'  ?              'C5 H9 N O4'     147.129 
GLY 'peptide linking'   y GLYCINE          ?              'C2 H5 N O2'     75.067  
HOH non-polymer         . WATER            ?              'H2 O'           18.015  
HYP 'L-peptide linking' n 4-HYDROXYPROLINE HYDROXYPROLINE 'C5 H9 N O3'     131.130 
LYS 'L-peptide linking' y LYSINE           ?              'C6 H15 N2 O2 1' 147.195 
PRO 'L-peptide linking' y PROLINE          ?              'C5 H9 N O2'     115.130 
# 
loop_
_pdbx_poly_seq_scheme.asym_id 
_pdbx_poly_seq_scheme.entity_id 
_pdbx_poly_seq_scheme.seq_id 
_pdbx_poly_seq_scheme.mon_id 
_pdbx_poly_seq_scheme.ndb_seq_num 
_pdbx_poly_seq_scheme.pdb_seq_num 
_pdbx_poly_seq_scheme.auth_seq_num 
_pdbx_poly_seq_scheme.pdb_mon_id 
_pdbx_poly_seq_scheme.auth_mon_id 
_pdbx_poly_seq_scheme.pdb_strand_id 
_pdbx_poly_seq_scheme.pdb_ins_code 
_pdbx_poly_seq_scheme.hetero 
A 1 1  PRO 1  1  1  PRO PRO A . n 
A 1 2  HYP 2  2  2  HYP HYP A . n 
A 1 3  GLY 3  3  3  GLY GLY A . n 
A 1 4  PRO 4  4  4  PRO PRO A . n 
A 1 5  HYP 5  5  5  HYP HYP A . n 
A 1 6  GLY 6  6  6  GLY GLY A . n 
A 1 7  PRO 7  7  7  PRO PRO A . n 
A 1 8  HYP 8  8  8  HYP HYP A . n 
A 1 9  GLY 9  9  9  GLY GLY A . n 
A 1 10 PRO 10 10 10 PRO PRO A . n 
A 1 11 HYP 11 11 11 HYP HYP A . n 
A 1 12 GLY 12 12 12 GLY GLY A . n 
A 1 13 GLU 13 13 13 GLU GLU A . n 
A 1 14 LYS 14 14 14 LYS LYS A . n 
A 1 15 GLY 15 15 15 GLY GLY A . n 
A 1 16 PRO 16 16 16 PRO PRO A . n 
A 1 17 HYP 17 17 17 HYP HYP A . n 
A 1 18 GLY 18 18 18 GLY GLY A . n 
A 1 19 PRO 19 19 19 PRO PRO A . n 
A 1 20 HYP 20 20 20 HYP HYP A . n 
A 1 21 GLY 21 21 21 GLY GLY A . n 
A 1 22 PRO 22 22 22 PRO PRO A . n 
A 1 23 HYP 23 23 23 HYP HYP A . n 
A 1 24 GLY 24 24 24 GLY GLY A . n 
A 1 25 PRO 25 25 25 PRO PRO A . n 
A 1 26 HYP 26 26 26 HYP HYP A . n 
A 1 27 GLY 27 27 27 GLY GLY A . n 
A 1 28 PRO 28 28 28 PRO PRO A . n 
A 1 29 HYP 29 29 29 HYP HYP A . n 
A 1 30 GLY 30 30 30 GLY GLY A . n 
B 1 1  PRO 1  31 31 PRO PRO B . n 
B 1 2  HYP 2  32 32 HYP HYP B . n 
B 1 3  GLY 3  33 33 GLY GLY B . n 
B 1 4  PRO 4  34 34 PRO PRO B . n 
B 1 5  HYP 5  35 35 HYP HYP B . n 
B 1 6  GLY 6  36 36 GLY GLY B . n 
B 1 7  PRO 7  37 37 PRO PRO B . n 
B 1 8  HYP 8  38 38 HYP HYP B . n 
B 1 9  GLY 9  39 39 GLY GLY B . n 
B 1 10 PRO 10 40 40 PRO PRO B . n 
B 1 11 HYP 11 41 41 HYP HYP B . n 
B 1 12 GLY 12 42 42 GLY GLY B . n 
B 1 13 GLU 13 43 43 GLU GLU B . n 
B 1 14 LYS 14 44 44 LYS LYS B . n 
B 1 15 GLY 15 45 45 GLY GLY B . n 
B 1 16 PRO 16 46 46 PRO PRO B . n 
B 1 17 HYP 17 47 47 HYP HYP B . n 
B 1 18 GLY 18 48 48 GLY GLY B . n 
B 1 19 PRO 19 49 49 PRO PRO B . n 
B 1 20 HYP 20 50 50 HYP HYP B . n 
B 1 21 GLY 21 51 51 GLY GLY B . n 
B 1 22 PRO 22 52 52 PRO PRO B . n 
B 1 23 HYP 23 53 53 HYP HYP B . n 
B 1 24 GLY 24 54 54 GLY GLY B . n 
B 1 25 PRO 25 55 55 PRO PRO B . n 
B 1 26 HYP 26 56 56 HYP HYP B . n 
B 1 27 GLY 27 57 57 GLY GLY B . n 
B 1 28 PRO 28 58 58 PRO PRO B . n 
B 1 29 HYP 29 59 59 HYP HYP B . n 
B 1 30 GLY 30 60 60 GLY GLY B . n 
C 1 1  PRO 1  61 61 PRO PRO C . n 
C 1 2  HYP 2  62 62 HYP HYP C . n 
C 1 3  GLY 3  63 63 GLY GLY C . n 
C 1 4  PRO 4  64 64 PRO PRO C . n 
C 1 5  HYP 5  65 65 HYP HYP C . n 
C 1 6  GLY 6  66 66 GLY GLY C . n 
C 1 7  PRO 7  67 67 PRO PRO C . n 
C 1 8  HYP 8  68 68 HYP HYP C . n 
C 1 9  GLY 9  69 69 GLY GLY C . n 
C 1 10 PRO 10 70 70 PRO PRO C . n 
C 1 11 HYP 11 71 71 HYP HYP C . n 
C 1 12 GLY 12 72 72 GLY GLY C . n 
C 1 13 GLU 13 73 73 GLU GLU C . n 
C 1 14 LYS 14 74 74 LYS LYS C . n 
C 1 15 GLY 15 75 75 GLY GLY C . n 
C 1 16 PRO 16 76 76 PRO PRO C . n 
C 1 17 HYP 17 77 77 HYP HYP C . n 
C 1 18 GLY 18 78 78 GLY GLY C . n 
C 1 19 PRO 19 79 79 PRO PRO C . n 
C 1 20 HYP 20 80 80 HYP HYP C . n 
C 1 21 GLY 21 81 81 GLY GLY C . n 
C 1 22 PRO 22 82 82 PRO PRO C . n 
C 1 23 HYP 23 83 83 HYP HYP C . n 
C 1 24 GLY 24 84 84 GLY GLY C . n 
C 1 25 PRO 25 85 85 PRO PRO C . n 
C 1 26 HYP 26 86 86 HYP HYP C . n 
C 1 27 GLY 27 87 87 GLY GLY C . n 
C 1 28 PRO 28 88 88 PRO PRO C . n 
C 1 29 HYP 29 89 89 HYP HYP C . n 
C 1 30 GLY 30 90 ?  ?   ?   C . n 
# 
loop_
_pdbx_nonpoly_scheme.asym_id 
_pdbx_nonpoly_scheme.entity_id 
_pdbx_nonpoly_scheme.mon_id 
_pdbx_nonpoly_scheme.ndb_seq_num 
_pdbx_nonpoly_scheme.pdb_seq_num 
_pdbx_nonpoly_scheme.auth_seq_num 
_pdbx_nonpoly_scheme.pdb_mon_id 
_pdbx_nonpoly_scheme.auth_mon_id 
_pdbx_nonpoly_scheme.pdb_strand_id 
_pdbx_nonpoly_scheme.pdb_ins_code 
D 2 HOH 1  101 101 HOH HOH A . 
D 2 HOH 2  114 114 HOH HOH A . 
D 2 HOH 3  115 115 HOH HOH A . 
D 2 HOH 4  116 116 HOH HOH A . 
D 2 HOH 5  117 117 HOH HOH A . 
D 2 HOH 6  125 125 HOH HOH A . 
D 2 HOH 7  129 129 HOH HOH A . 
D 2 HOH 8  130 130 HOH HOH A . 
D 2 HOH 9  131 131 HOH HOH A . 
D 2 HOH 10 132 132 HOH HOH A . 
D 2 HOH 11 133 133 HOH HOH A . 
D 2 HOH 12 135 135 HOH HOH A . 
D 2 HOH 13 140 140 HOH HOH A . 
D 2 HOH 14 144 144 HOH HOH A . 
D 2 HOH 15 145 145 HOH HOH A . 
D 2 HOH 16 148 148 HOH HOH A . 
D 2 HOH 17 149 149 HOH HOH A . 
D 2 HOH 18 150 150 HOH HOH A . 
D 2 HOH 19 153 153 HOH HOH A . 
D 2 HOH 20 166 166 HOH HOH A . 
D 2 HOH 21 167 167 HOH HOH A . 
D 2 HOH 22 169 169 HOH HOH A . 
D 2 HOH 23 174 174 HOH HOH A . 
D 2 HOH 24 175 175 HOH HOH A . 
D 2 HOH 25 177 177 HOH HOH A . 
D 2 HOH 26 179 179 HOH HOH A . 
D 2 HOH 27 181 181 HOH HOH A . 
D 2 HOH 28 194 194 HOH HOH A . 
D 2 HOH 29 195 195 HOH HOH A . 
D 2 HOH 30 200 200 HOH HOH A . 
D 2 HOH 31 204 204 HOH HOH A . 
D 2 HOH 32 209 209 HOH HOH A . 
D 2 HOH 33 211 211 HOH HOH A . 
D 2 HOH 34 214 214 HOH HOH A . 
D 2 HOH 35 215 215 HOH HOH A . 
D 2 HOH 36 219 219 HOH HOH A . 
D 2 HOH 37 222 222 HOH HOH A . 
D 2 HOH 38 233 233 HOH HOH A . 
D 2 HOH 39 238 238 HOH HOH A . 
D 2 HOH 40 239 239 HOH HOH A . 
D 2 HOH 41 241 241 HOH HOH A . 
D 2 HOH 42 243 243 HOH HOH A . 
D 2 HOH 43 244 244 HOH HOH A . 
D 2 HOH 44 246 246 HOH HOH A . 
D 2 HOH 45 247 247 HOH HOH A . 
D 2 HOH 46 257 257 HOH HOH A . 
D 2 HOH 47 262 262 HOH HOH A . 
D 2 HOH 48 263 263 HOH HOH A . 
D 2 HOH 49 265 265 HOH HOH A . 
D 2 HOH 50 266 266 HOH HOH A . 
D 2 HOH 51 269 269 HOH HOH A . 
E 2 HOH 1  104 104 HOH HOH B . 
E 2 HOH 2  105 105 HOH HOH B . 
E 2 HOH 3  106 106 HOH HOH B . 
E 2 HOH 4  107 107 HOH HOH B . 
E 2 HOH 5  110 110 HOH HOH B . 
E 2 HOH 6  112 112 HOH HOH B . 
E 2 HOH 7  120 120 HOH HOH B . 
E 2 HOH 8  126 126 HOH HOH B . 
E 2 HOH 9  127 127 HOH HOH B . 
E 2 HOH 10 128 128 HOH HOH B . 
E 2 HOH 11 134 134 HOH HOH B . 
E 2 HOH 12 136 136 HOH HOH B . 
E 2 HOH 13 137 137 HOH HOH B . 
E 2 HOH 14 138 138 HOH HOH B . 
E 2 HOH 15 139 139 HOH HOH B . 
E 2 HOH 16 143 143 HOH HOH B . 
E 2 HOH 17 146 146 HOH HOH B . 
E 2 HOH 18 156 156 HOH HOH B . 
E 2 HOH 19 161 161 HOH HOH B . 
E 2 HOH 20 162 162 HOH HOH B . 
E 2 HOH 21 163 163 HOH HOH B . 
E 2 HOH 22 164 164 HOH HOH B . 
E 2 HOH 23 168 168 HOH HOH B . 
E 2 HOH 24 171 171 HOH HOH B . 
E 2 HOH 25 172 172 HOH HOH B . 
E 2 HOH 26 176 176 HOH HOH B . 
E 2 HOH 27 180 180 HOH HOH B . 
E 2 HOH 28 182 182 HOH HOH B . 
E 2 HOH 29 185 185 HOH HOH B . 
E 2 HOH 30 186 186 HOH HOH B . 
E 2 HOH 31 187 187 HOH HOH B . 
E 2 HOH 32 188 188 HOH HOH B . 
E 2 HOH 33 197 197 HOH HOH B . 
E 2 HOH 34 199 199 HOH HOH B . 
E 2 HOH 35 201 201 HOH HOH B . 
E 2 HOH 36 202 202 HOH HOH B . 
E 2 HOH 37 206 206 HOH HOH B . 
E 2 HOH 38 208 208 HOH HOH B . 
E 2 HOH 39 212 212 HOH HOH B . 
E 2 HOH 40 213 213 HOH HOH B . 
E 2 HOH 41 216 216 HOH HOH B . 
E 2 HOH 42 221 221 HOH HOH B . 
E 2 HOH 43 223 223 HOH HOH B . 
E 2 HOH 44 227 227 HOH HOH B . 
E 2 HOH 45 229 229 HOH HOH B . 
E 2 HOH 46 231 231 HOH HOH B . 
E 2 HOH 47 232 232 HOH HOH B . 
E 2 HOH 48 234 234 HOH HOH B . 
E 2 HOH 49 237 237 HOH HOH B . 
E 2 HOH 50 240 240 HOH HOH B . 
E 2 HOH 51 242 242 HOH HOH B . 
E 2 HOH 52 245 245 HOH HOH B . 
E 2 HOH 53 252 252 HOH HOH B . 
E 2 HOH 54 264 264 HOH HOH B . 
E 2 HOH 55 267 267 HOH HOH B . 
E 2 HOH 56 268 268 HOH HOH B . 
F 2 HOH 1  102 102 HOH HOH C . 
F 2 HOH 2  103 103 HOH HOH C . 
F 2 HOH 3  108 108 HOH HOH C . 
F 2 HOH 4  113 113 HOH HOH C . 
F 2 HOH 5  118 118 HOH HOH C . 
F 2 HOH 6  119 119 HOH HOH C . 
F 2 HOH 7  121 121 HOH HOH C . 
F 2 HOH 8  122 122 HOH HOH C . 
F 2 HOH 9  123 123 HOH HOH C . 
F 2 HOH 10 124 124 HOH HOH C . 
F 2 HOH 11 141 141 HOH HOH C . 
F 2 HOH 12 142 142 HOH HOH C . 
F 2 HOH 13 154 154 HOH HOH C . 
F 2 HOH 14 155 155 HOH HOH C . 
F 2 HOH 15 157 157 HOH HOH C . 
F 2 HOH 16 160 160 HOH HOH C . 
F 2 HOH 17 170 170 HOH HOH C . 
F 2 HOH 18 173 173 HOH HOH C . 
F 2 HOH 19 178 178 HOH HOH C . 
F 2 HOH 20 183 183 HOH HOH C . 
F 2 HOH 21 184 184 HOH HOH C . 
F 2 HOH 22 189 189 HOH HOH C . 
F 2 HOH 23 190 190 HOH HOH C . 
F 2 HOH 24 191 191 HOH HOH C . 
F 2 HOH 25 192 192 HOH HOH C . 
F 2 HOH 26 196 196 HOH HOH C . 
F 2 HOH 27 198 198 HOH HOH C . 
F 2 HOH 28 203 203 HOH HOH C . 
F 2 HOH 29 207 207 HOH HOH C . 
F 2 HOH 30 210 210 HOH HOH C . 
F 2 HOH 31 217 217 HOH HOH C . 
F 2 HOH 32 218 218 HOH HOH C . 
F 2 HOH 33 220 220 HOH HOH C . 
F 2 HOH 34 224 224 HOH HOH C . 
F 2 HOH 35 225 225 HOH HOH C . 
F 2 HOH 36 228 228 HOH HOH C . 
F 2 HOH 37 230 230 HOH HOH C . 
F 2 HOH 38 236 236 HOH HOH C . 
F 2 HOH 39 248 248 HOH HOH C . 
F 2 HOH 40 249 249 HOH HOH C . 
F 2 HOH 41 251 251 HOH HOH C . 
F 2 HOH 42 254 254 HOH HOH C . 
F 2 HOH 43 255 255 HOH HOH C . 
F 2 HOH 44 259 259 HOH HOH C . 
F 2 HOH 45 261 261 HOH HOH C . 
F 2 HOH 46 270 270 HOH HOH C . 
# 
loop_
_pdbx_unobs_or_zero_occ_atoms.id 
_pdbx_unobs_or_zero_occ_atoms.PDB_model_num 
_pdbx_unobs_or_zero_occ_atoms.polymer_flag 
_pdbx_unobs_or_zero_occ_atoms.occupancy_flag 
_pdbx_unobs_or_zero_occ_atoms.auth_asym_id 
_pdbx_unobs_or_zero_occ_atoms.auth_comp_id 
_pdbx_unobs_or_zero_occ_atoms.auth_seq_id 
_pdbx_unobs_or_zero_occ_atoms.PDB_ins_code 
_pdbx_unobs_or_zero_occ_atoms.auth_atom_id 
_pdbx_unobs_or_zero_occ_atoms.label_alt_id 
_pdbx_unobs_or_zero_occ_atoms.label_asym_id 
_pdbx_unobs_or_zero_occ_atoms.label_comp_id 
_pdbx_unobs_or_zero_occ_atoms.label_seq_id 
_pdbx_unobs_or_zero_occ_atoms.label_atom_id 
1 1 Y 1 C GLU 73 ? CG  ? C GLU 13 CG  
2 1 Y 1 C GLU 73 ? CD  ? C GLU 13 CD  
3 1 Y 1 C GLU 73 ? OE1 ? C GLU 13 OE1 
4 1 Y 1 C GLU 73 ? OE2 ? C GLU 13 OE2 
5 1 Y 1 C LYS 74 ? CG  ? C LYS 14 CG  
6 1 Y 1 C LYS 74 ? CD  ? C LYS 14 CD  
7 1 Y 1 C LYS 74 ? CE  ? C LYS 14 CE  
8 1 Y 1 C LYS 74 ? NZ  ? C LYS 14 NZ  
# 
loop_
_software.name 
_software.classification 
_software.version 
_software.citation_id 
_software.pdbx_ordinal 
MERLOT phasing          . ? 1 
CNS    refinement       . ? 2 
CAD4   'data reduction' . ? 3 
MOLEN  'data scaling'   . ? 4 
# 
_cell.entry_id           1QSU 
_cell.length_a           29.326 
_cell.length_b           26.573 
_cell.length_c           45.885 
_cell.angle_alpha        90.00 
_cell.angle_beta         96.04 
_cell.angle_gamma        90.00 
_cell.Z_PDB              6 
_cell.pdbx_unique_axis   ? 
# 
_symmetry.entry_id                         1QSU 
_symmetry.space_group_name_H-M             'P 1 21 1' 
_symmetry.pdbx_full_space_group_name_H-M   ? 
_symmetry.cell_setting                     ? 
_symmetry.Int_Tables_number                4 
# 
_exptl.entry_id          1QSU 
_exptl.method            'X-RAY DIFFRACTION' 
_exptl.crystals_number   1 
# 
_exptl_crystal.id                    1 
_exptl_crystal.density_meas          ? 
_exptl_crystal.density_Matthews      2.16 
_exptl_crystal.density_percent_sol   42.97 
_exptl_crystal.description           ? 
# 
_exptl_crystal_grow.crystal_id      1 
_exptl_crystal_grow.method          'VAPOR DIFFUSION, HANGING DROP' 
_exptl_crystal_grow.temp            277 
_exptl_crystal_grow.temp_details    ? 
_exptl_crystal_grow.pH              8.5 
_exptl_crystal_grow.pdbx_details    'PEG 4K, tris HCl, Li2SO4, pH 8.5, VAPOR DIFFUSION, HANGING DROP, temperature 277K' 
_exptl_crystal_grow.pdbx_pH_range   . 
# 
_diffrn.id                     1 
_diffrn.ambient_temp           277 
_diffrn.ambient_temp_details   ? 
_diffrn.crystal_id             1 
# 
_diffrn_detector.diffrn_id              1 
_diffrn_detector.detector               DIFFRACTOMETER 
_diffrn_detector.type                   'ENRAF-NONIUS CAD4' 
_diffrn_detector.pdbx_collection_date   1993-10-15 
_diffrn_detector.details                ? 
# 
_diffrn_radiation.diffrn_id                        1 
_diffrn_radiation.wavelength_id                    1 
_diffrn_radiation.pdbx_monochromatic_or_laue_m_l   M 
_diffrn_radiation.monochromator                    ? 
_diffrn_radiation.pdbx_diffrn_protocol             'SINGLE WAVELENGTH' 
_diffrn_radiation.pdbx_scattering_type             x-ray 
# 
_diffrn_radiation_wavelength.id           1 
_diffrn_radiation_wavelength.wavelength   1.5418 
_diffrn_radiation_wavelength.wt           1.0 
# 
_diffrn_source.diffrn_id                   1 
_diffrn_source.source                      'ROTATING ANODE' 
_diffrn_source.type                        ENRAF-NONIUS 
_diffrn_source.pdbx_synchrotron_site       ? 
_diffrn_source.pdbx_synchrotron_beamline   ? 
_diffrn_source.pdbx_wavelength             1.5418 
_diffrn_source.pdbx_wavelength_list        ? 
# 
_reflns.entry_id                     1QSU 
_reflns.observed_criterion_sigma_I   ? 
_reflns.observed_criterion_sigma_F   0 
_reflns.d_resolution_low             ? 
_reflns.d_resolution_high            1.75 
_reflns.number_obs                   ? 
_reflns.number_all                   7286 
_reflns.percent_possible_obs         99.97 
_reflns.pdbx_Rmerge_I_obs            ? 
_reflns.pdbx_Rsym_value              ? 
_reflns.pdbx_netI_over_sigmaI        ? 
_reflns.B_iso_Wilson_estimate        ? 
_reflns.pdbx_redundancy              ? 
_reflns.R_free_details               ? 
_reflns.limit_h_max                  ? 
_reflns.limit_h_min                  ? 
_reflns.limit_k_max                  ? 
_reflns.limit_k_min                  ? 
_reflns.limit_l_max                  ? 
_reflns.limit_l_min                  ? 
_reflns.observed_criterion_F_max     ? 
_reflns.observed_criterion_F_min     ? 
_reflns.pdbx_diffrn_id               1 
_reflns.pdbx_ordinal                 1 
# 
_reflns_shell.d_res_high             1.75 
_reflns_shell.d_res_low              1.81 
_reflns_shell.percent_possible_all   99.86 
_reflns_shell.Rmerge_I_obs           ? 
_reflns_shell.pdbx_Rsym_value        ? 
_reflns_shell.meanI_over_sigI_obs    ? 
_reflns_shell.pdbx_redundancy        ? 
_reflns_shell.percent_possible_obs   ? 
_reflns_shell.number_unique_all      718 
_reflns_shell.pdbx_diffrn_id         ? 
_reflns_shell.pdbx_ordinal           1 
# 
_refine.entry_id                                 1QSU 
_refine.ls_number_reflns_obs                     5480 
_refine.ls_number_reflns_all                     ? 
_refine.pdbx_ls_sigma_I                          ? 
_refine.pdbx_ls_sigma_F                          2.000 
_refine.pdbx_data_cutoff_high_absF               ? 
_refine.pdbx_data_cutoff_low_absF                ? 
_refine.ls_d_res_low                             20.0 
_refine.ls_d_res_high                            1.75 
_refine.ls_percent_reflns_obs                    75.1 
_refine.ls_R_factor_obs                          ? 
_refine.ls_R_factor_all                          ? 
_refine.ls_R_factor_R_work                       0.1800000 
_refine.ls_R_factor_R_free                       0.2270000 
_refine.ls_R_factor_R_free_error                 0.017 
_refine.ls_R_factor_R_free_error_details         ? 
_refine.ls_percent_reflns_R_free                 9.900 
_refine.ls_number_reflns_R_free                  540 
_refine.ls_number_parameters                     ? 
_refine.ls_number_restraints                     ? 
_refine.occupancy_min                            ? 
_refine.occupancy_max                            ? 
_refine.B_iso_mean                               7.40 
_refine.aniso_B[1][1]                            0.50000 
_refine.aniso_B[2][2]                            -0.85000 
_refine.aniso_B[3][3]                            0.35000 
_refine.aniso_B[1][2]                            0.00000 
_refine.aniso_B[1][3]                            -0.39000 
_refine.aniso_B[2][3]                            0.00000 
_refine.solvent_model_details                    ? 
_refine.solvent_model_param_ksol                 ? 
_refine.solvent_model_param_bsol                 ? 
_refine.pdbx_ls_cross_valid_method               THROUGHOUT 
_refine.details                                  ? 
_refine.pdbx_starting_model                      ? 
_refine.pdbx_method_to_determine_struct          ? 
_refine.pdbx_isotropic_thermal_model             RESTRAINED 
_refine.pdbx_stereochemistry_target_values       ? 
_refine.pdbx_stereochem_target_val_spec_case     ? 
_refine.pdbx_R_Free_selection_details            RANDOM 
_refine.pdbx_overall_ESU_R_Free                  ? 
_refine.overall_SU_B                             ? 
_refine.ls_redundancy_reflns_obs                 ? 
_refine.overall_SU_ML                            ? 
_refine.pdbx_overall_ESU_R                       ? 
_refine.pdbx_data_cutoff_high_rms_absF           ? 
_refine.B_iso_min                                ? 
_refine.B_iso_max                                ? 
_refine.pdbx_refine_id                           'X-RAY DIFFRACTION' 
_refine.pdbx_diffrn_id                           1 
_refine.pdbx_TLS_residual_ADP_flag               ? 
_refine.correlation_coeff_Fo_to_Fc               ? 
_refine.correlation_coeff_Fo_to_Fc_free          ? 
_refine.pdbx_solvent_vdw_probe_radii             ? 
_refine.pdbx_solvent_ion_probe_radii             ? 
_refine.pdbx_solvent_shrinkage_radii             ? 
_refine.pdbx_overall_phase_error                 ? 
_refine.overall_SU_R_Cruickshank_DPI             ? 
_refine.pdbx_overall_SU_R_free_Cruickshank_DPI   ? 
_refine.pdbx_overall_SU_R_Blow_DPI               ? 
_refine.pdbx_overall_SU_R_free_Blow_DPI          ? 
# 
_refine_analyze.entry_id                        1QSU 
_refine_analyze.Luzzati_coordinate_error_obs    0.22 
_refine_analyze.Luzzati_sigma_a_obs             0.13 
_refine_analyze.Luzzati_d_res_low_obs           5.00 
_refine_analyze.Luzzati_coordinate_error_free   0.28 
_refine_analyze.Luzzati_sigma_a_free            ? 
_refine_analyze.Luzzati_d_res_low_free          ? 
_refine_analyze.number_disordered_residues      ? 
_refine_analyze.occupancy_sum_hydrogen          ? 
_refine_analyze.occupancy_sum_non_hydrogen      ? 
_refine_analyze.pdbx_Luzzati_d_res_high_obs     ? 
_refine_analyze.pdbx_refine_id                  'X-RAY DIFFRACTION' 
# 
_refine_hist.pdbx_refine_id                   'X-RAY DIFFRACTION' 
_refine_hist.cycle_id                         LAST 
_refine_hist.pdbx_number_atoms_protein        569 
_refine_hist.pdbx_number_atoms_nucleic_acid   0 
_refine_hist.pdbx_number_atoms_ligand         0 
_refine_hist.number_atoms_solvent             153 
_refine_hist.number_atoms_total               722 
_refine_hist.d_res_high                       1.75 
_refine_hist.d_res_low                        20.0 
# 
loop_
_refine_ls_restr.type 
_refine_ls_restr.dev_ideal 
_refine_ls_restr.dev_ideal_target 
_refine_ls_restr.weight 
_refine_ls_restr.number 
_refine_ls_restr.pdbx_refine_id 
_refine_ls_restr.pdbx_restraint_function 
c_bond_d           0.006 ? ? ? 'X-RAY DIFFRACTION' ? 
c_angle_deg        1.10  ? ? ? 'X-RAY DIFFRACTION' ? 
c_improper_angle_d 1.24  ? ? ? 'X-RAY DIFFRACTION' ? 
# 
_refine_ls_shell.pdbx_total_number_of_bins_used   6 
_refine_ls_shell.d_res_high                       1.75 
_refine_ls_shell.d_res_low                        1.86 
_refine_ls_shell.number_reflns_R_work             559 
_refine_ls_shell.R_factor_R_work                  0.2860000 
_refine_ls_shell.percent_reflns_obs               53.20 
_refine_ls_shell.R_factor_R_free                  0.2960000 
_refine_ls_shell.R_factor_R_free_error            0.04 
_refine_ls_shell.percent_reflns_R_free            10.70 
_refine_ls_shell.number_reflns_R_free             67 
_refine_ls_shell.redundancy_reflns_obs            ? 
_refine_ls_shell.number_reflns_all                ? 
_refine_ls_shell.number_reflns_obs                ? 
_refine_ls_shell.pdbx_refine_id                   'X-RAY DIFFRACTION' 
_refine_ls_shell.R_factor_all                     ? 
# 
loop_
_pdbx_xplor_file.serial_no 
_pdbx_xplor_file.param_file 
_pdbx_xplor_file.topol_file 
_pdbx_xplor_file.pdbx_refine_id 
1 PROTEIN_REP.PARAM ? 'X-RAY DIFFRACTION' 
2 HYP.PAR3          ? 'X-RAY DIFFRACTION' 
# 
_struct.entry_id                  1QSU 
_struct.title                     
'CRYSTAL STRUCTURE OF THE TRIPLE-HELICAL COLLAGEN-LIKE PEPTIDE, (PRO-HYP-GLY)4-GLU-LYS-GLY(PRO-HYP-GLY)5' 
_struct.pdbx_model_details        ? 
_struct.pdbx_CASP_flag            ? 
_struct.pdbx_model_type_details   ? 
# 
_struct_keywords.entry_id        1QSU 
_struct_keywords.pdbx_keywords   'STRUCTURAL PROTEIN' 
_struct_keywords.text            'TRIPLE HELIX, STRUCTURAL PROTEIN' 
# 
loop_
_struct_asym.id 
_struct_asym.pdbx_blank_PDB_chainid_flag 
_struct_asym.pdbx_modified 
_struct_asym.entity_id 
_struct_asym.details 
A N N 1 ? 
B N N 1 ? 
C N N 1 ? 
D N N 2 ? 
E N N 2 ? 
F N N 2 ? 
# 
_struct_ref.id                         1 
_struct_ref.entity_id                  1 
_struct_ref.db_name                    PDB 
_struct_ref.db_code                    1QSU 
_struct_ref.pdbx_db_accession          1QSU 
_struct_ref.pdbx_db_isoform            ? 
_struct_ref.pdbx_seq_one_letter_code   ? 
_struct_ref.pdbx_align_begin           ? 
# 
loop_
_struct_ref_seq.align_id 
_struct_ref_seq.ref_id 
_struct_ref_seq.pdbx_PDB_id_code 
_struct_ref_seq.pdbx_strand_id 
_struct_ref_seq.seq_align_beg 
_struct_ref_seq.pdbx_seq_align_beg_ins_code 
_struct_ref_seq.seq_align_end 
_struct_ref_seq.pdbx_seq_align_end_ins_code 
_struct_ref_seq.pdbx_db_accession 
_struct_ref_seq.db_align_beg 
_struct_ref_seq.pdbx_db_align_beg_ins_code 
_struct_ref_seq.db_align_end 
_struct_ref_seq.pdbx_db_align_end_ins_code 
_struct_ref_seq.pdbx_auth_seq_align_beg 
_struct_ref_seq.pdbx_auth_seq_align_end 
1 1 1QSU A 1 ? 30 ? 1QSU 1  ? 30 ? 1  30 
2 1 1QSU B 1 ? 30 ? 1QSU 31 ? 60 ? 31 60 
3 1 1QSU C 1 ? 30 ? 1QSU 61 ? 90 ? 61 90 
# 
_pdbx_struct_assembly.id                   1 
_pdbx_struct_assembly.details              author_and_software_defined_assembly 
_pdbx_struct_assembly.method_details       PISA 
_pdbx_struct_assembly.oligomeric_details   trimeric 
_pdbx_struct_assembly.oligomeric_count     3 
# 
loop_
_pdbx_struct_assembly_prop.biol_id 
_pdbx_struct_assembly_prop.type 
_pdbx_struct_assembly_prop.value 
_pdbx_struct_assembly_prop.details 
1 'ABSA (A^2)' 5350 ? 
1 MORE         -26  ? 
1 'SSA (A^2)'  4900 ? 
# 
_pdbx_struct_assembly_gen.assembly_id       1 
_pdbx_struct_assembly_gen.oper_expression   1 
_pdbx_struct_assembly_gen.asym_id_list      A,B,C,D,E,F 
# 
_pdbx_struct_oper_list.id                   1 
_pdbx_struct_oper_list.type                 'identity operation' 
_pdbx_struct_oper_list.name                 1_555 
_pdbx_struct_oper_list.symmetry_operation   x,y,z 
_pdbx_struct_oper_list.matrix[1][1]         1.0000000000 
_pdbx_struct_oper_list.matrix[1][2]         0.0000000000 
_pdbx_struct_oper_list.matrix[1][3]         0.0000000000 
_pdbx_struct_oper_list.vector[1]            0.0000000000 
_pdbx_struct_oper_list.matrix[2][1]         0.0000000000 
_pdbx_struct_oper_list.matrix[2][2]         1.0000000000 
_pdbx_struct_oper_list.matrix[2][3]         0.0000000000 
_pdbx_struct_oper_list.vector[2]            0.0000000000 
_pdbx_struct_oper_list.matrix[3][1]         0.0000000000 
_pdbx_struct_oper_list.matrix[3][2]         0.0000000000 
_pdbx_struct_oper_list.matrix[3][3]         1.0000000000 
_pdbx_struct_oper_list.vector[3]            0.0000000000 
# 
_struct_biol.id                    1 
_struct_biol.pdbx_parent_biol_id   ? 
_struct_biol.details               ? 
# 
loop_
_struct_conn.id 
_struct_conn.conn_type_id 
_struct_conn.pdbx_leaving_atom_flag 
_struct_conn.pdbx_PDB_id 
_struct_conn.ptnr1_label_asym_id 
_struct_conn.ptnr1_label_comp_id 
_struct_conn.ptnr1_label_seq_id 
_struct_conn.ptnr1_label_atom_id 
_struct_conn.pdbx_ptnr1_label_alt_id 
_struct_conn.pdbx_ptnr1_PDB_ins_code 
_struct_conn.pdbx_ptnr1_standard_comp_id 
_struct_conn.ptnr1_symmetry 
_struct_conn.ptnr2_label_asym_id 
_struct_conn.ptnr2_label_comp_id 
_struct_conn.ptnr2_label_seq_id 
_struct_conn.ptnr2_label_atom_id 
_struct_conn.pdbx_ptnr2_label_alt_id 
_struct_conn.pdbx_ptnr2_PDB_ins_code 
_struct_conn.ptnr1_auth_asym_id 
_struct_conn.ptnr1_auth_comp_id 
_struct_conn.ptnr1_auth_seq_id 
_struct_conn.ptnr2_auth_asym_id 
_struct_conn.ptnr2_auth_comp_id 
_struct_conn.ptnr2_auth_seq_id 
_struct_conn.ptnr2_symmetry 
_struct_conn.pdbx_ptnr3_label_atom_id 
_struct_conn.pdbx_ptnr3_label_seq_id 
_struct_conn.pdbx_ptnr3_label_comp_id 
_struct_conn.pdbx_ptnr3_label_asym_id 
_struct_conn.pdbx_ptnr3_label_alt_id 
_struct_conn.pdbx_ptnr3_PDB_ins_code 
_struct_conn.details 
_struct_conn.pdbx_dist_value 
_struct_conn.pdbx_value_order 
_struct_conn.pdbx_role 
covale1  covale both ? A PRO 1  C ? ? ? 1_555 A HYP 2  N ? ? A PRO 1  A HYP 2  1_555 ? ? ? ? ? ? ? 1.346 ? ? 
covale2  covale both ? A HYP 2  C ? ? ? 1_555 A GLY 3  N ? ? A HYP 2  A GLY 3  1_555 ? ? ? ? ? ? ? 1.329 ? ? 
covale3  covale both ? A PRO 4  C ? ? ? 1_555 A HYP 5  N ? ? A PRO 4  A HYP 5  1_555 ? ? ? ? ? ? ? 1.340 ? ? 
covale4  covale both ? A HYP 5  C ? ? ? 1_555 A GLY 6  N ? ? A HYP 5  A GLY 6  1_555 ? ? ? ? ? ? ? 1.327 ? ? 
covale5  covale both ? A PRO 7  C ? ? ? 1_555 A HYP 8  N ? ? A PRO 7  A HYP 8  1_555 ? ? ? ? ? ? ? 1.339 ? ? 
covale6  covale both ? A HYP 8  C ? ? ? 1_555 A GLY 9  N ? ? A HYP 8  A GLY 9  1_555 ? ? ? ? ? ? ? 1.328 ? ? 
covale7  covale both ? A PRO 10 C ? ? ? 1_555 A HYP 11 N ? ? A PRO 10 A HYP 11 1_555 ? ? ? ? ? ? ? 1.342 ? ? 
covale8  covale both ? A HYP 11 C ? ? ? 1_555 A GLY 12 N ? ? A HYP 11 A GLY 12 1_555 ? ? ? ? ? ? ? 1.328 ? ? 
covale9  covale both ? A PRO 16 C ? ? ? 1_555 A HYP 17 N ? ? A PRO 16 A HYP 17 1_555 ? ? ? ? ? ? ? 1.343 ? ? 
covale10 covale both ? A HYP 17 C ? ? ? 1_555 A GLY 18 N ? ? A HYP 17 A GLY 18 1_555 ? ? ? ? ? ? ? 1.327 ? ? 
covale11 covale both ? A PRO 19 C ? ? ? 1_555 A HYP 20 N ? ? A PRO 19 A HYP 20 1_555 ? ? ? ? ? ? ? 1.340 ? ? 
covale12 covale both ? A HYP 20 C ? ? ? 1_555 A GLY 21 N ? ? A HYP 20 A GLY 21 1_555 ? ? ? ? ? ? ? 1.327 ? ? 
covale13 covale both ? A PRO 22 C ? ? ? 1_555 A HYP 23 N ? ? A PRO 22 A HYP 23 1_555 ? ? ? ? ? ? ? 1.342 ? ? 
covale14 covale both ? A HYP 23 C ? ? ? 1_555 A GLY 24 N ? ? A HYP 23 A GLY 24 1_555 ? ? ? ? ? ? ? 1.329 ? ? 
covale15 covale both ? A PRO 25 C ? ? ? 1_555 A HYP 26 N ? ? A PRO 25 A HYP 26 1_555 ? ? ? ? ? ? ? 1.340 ? ? 
covale16 covale both ? A HYP 26 C ? ? ? 1_555 A GLY 27 N ? ? A HYP 26 A GLY 27 1_555 ? ? ? ? ? ? ? 1.325 ? ? 
covale17 covale both ? A PRO 28 C ? ? ? 1_555 A HYP 29 N ? ? A PRO 28 A HYP 29 1_555 ? ? ? ? ? ? ? 1.344 ? ? 
covale18 covale both ? A HYP 29 C ? ? ? 1_555 A GLY 30 N ? ? A HYP 29 A GLY 30 1_555 ? ? ? ? ? ? ? 1.330 ? ? 
covale19 covale both ? B PRO 1  C ? ? ? 1_555 B HYP 2  N ? ? B PRO 31 B HYP 32 1_555 ? ? ? ? ? ? ? 1.340 ? ? 
covale20 covale both ? B HYP 2  C ? ? ? 1_555 B GLY 3  N ? ? B HYP 32 B GLY 33 1_555 ? ? ? ? ? ? ? 1.330 ? ? 
covale21 covale both ? B PRO 4  C ? ? ? 1_555 B HYP 5  N ? ? B PRO 34 B HYP 35 1_555 ? ? ? ? ? ? ? 1.341 ? ? 
covale22 covale both ? B HYP 5  C ? ? ? 1_555 B GLY 6  N ? ? B HYP 35 B GLY 36 1_555 ? ? ? ? ? ? ? 1.327 ? ? 
covale23 covale both ? B PRO 7  C ? ? ? 1_555 B HYP 8  N ? ? B PRO 37 B HYP 38 1_555 ? ? ? ? ? ? ? 1.346 ? ? 
covale24 covale both ? B HYP 8  C ? ? ? 1_555 B GLY 9  N ? ? B HYP 38 B GLY 39 1_555 ? ? ? ? ? ? ? 1.329 ? ? 
covale25 covale both ? B PRO 10 C ? ? ? 1_555 B HYP 11 N ? ? B PRO 40 B HYP 41 1_555 ? ? ? ? ? ? ? 1.341 ? ? 
covale26 covale both ? B HYP 11 C ? ? ? 1_555 B GLY 12 N ? ? B HYP 41 B GLY 42 1_555 ? ? ? ? ? ? ? 1.330 ? ? 
covale27 covale both ? B PRO 16 C ? ? ? 1_555 B HYP 17 N ? ? B PRO 46 B HYP 47 1_555 ? ? ? ? ? ? ? 1.339 ? ? 
covale28 covale both ? B HYP 17 C ? ? ? 1_555 B GLY 18 N ? ? B HYP 47 B GLY 48 1_555 ? ? ? ? ? ? ? 1.327 ? ? 
covale29 covale both ? B PRO 19 C ? ? ? 1_555 B HYP 20 N ? ? B PRO 49 B HYP 50 1_555 ? ? ? ? ? ? ? 1.341 ? ? 
covale30 covale both ? B HYP 20 C ? ? ? 1_555 B GLY 21 N ? ? B HYP 50 B GLY 51 1_555 ? ? ? ? ? ? ? 1.326 ? ? 
covale31 covale both ? B PRO 22 C ? ? ? 1_555 B HYP 23 N ? ? B PRO 52 B HYP 53 1_555 ? ? ? ? ? ? ? 1.342 ? ? 
covale32 covale both ? B HYP 23 C ? ? ? 1_555 B GLY 24 N ? ? B HYP 53 B GLY 54 1_555 ? ? ? ? ? ? ? 1.328 ? ? 
covale33 covale both ? B PRO 25 C ? ? ? 1_555 B HYP 26 N ? ? B PRO 55 B HYP 56 1_555 ? ? ? ? ? ? ? 1.343 ? ? 
covale34 covale both ? B HYP 26 C ? ? ? 1_555 B GLY 27 N ? ? B HYP 56 B GLY 57 1_555 ? ? ? ? ? ? ? 1.326 ? ? 
covale35 covale both ? B PRO 28 C ? ? ? 1_555 B HYP 29 N ? ? B PRO 58 B HYP 59 1_555 ? ? ? ? ? ? ? 1.342 ? ? 
covale36 covale both ? B HYP 29 C ? ? ? 1_555 B GLY 30 N ? ? B HYP 59 B GLY 60 1_555 ? ? ? ? ? ? ? 1.329 ? ? 
covale37 covale both ? C PRO 1  C ? ? ? 1_555 C HYP 2  N ? ? C PRO 61 C HYP 62 1_555 ? ? ? ? ? ? ? 1.344 ? ? 
covale38 covale both ? C HYP 2  C ? ? ? 1_555 C GLY 3  N ? ? C HYP 62 C GLY 63 1_555 ? ? ? ? ? ? ? 1.328 ? ? 
covale39 covale both ? C PRO 4  C ? ? ? 1_555 C HYP 5  N ? ? C PRO 64 C HYP 65 1_555 ? ? ? ? ? ? ? 1.344 ? ? 
covale40 covale both ? C HYP 5  C ? ? ? 1_555 C GLY 6  N ? ? C HYP 65 C GLY 66 1_555 ? ? ? ? ? ? ? 1.327 ? ? 
covale41 covale both ? C PRO 7  C ? ? ? 1_555 C HYP 8  N ? ? C PRO 67 C HYP 68 1_555 ? ? ? ? ? ? ? 1.344 ? ? 
covale42 covale both ? C HYP 8  C ? ? ? 1_555 C GLY 9  N ? ? C HYP 68 C GLY 69 1_555 ? ? ? ? ? ? ? 1.327 ? ? 
covale43 covale both ? C PRO 10 C ? ? ? 1_555 C HYP 11 N ? ? C PRO 70 C HYP 71 1_555 ? ? ? ? ? ? ? 1.343 ? ? 
covale44 covale both ? C HYP 11 C ? ? ? 1_555 C GLY 12 N ? ? C HYP 71 C GLY 72 1_555 ? ? ? ? ? ? ? 1.328 ? ? 
covale45 covale both ? C PRO 16 C ? ? ? 1_555 C HYP 17 N ? ? C PRO 76 C HYP 77 1_555 ? ? ? ? ? ? ? 1.340 ? ? 
covale46 covale both ? C HYP 17 C ? ? ? 1_555 C GLY 18 N ? ? C HYP 77 C GLY 78 1_555 ? ? ? ? ? ? ? 1.326 ? ? 
covale47 covale both ? C PRO 19 C ? ? ? 1_555 C HYP 20 N ? ? C PRO 79 C HYP 80 1_555 ? ? ? ? ? ? ? 1.340 ? ? 
covale48 covale both ? C HYP 20 C ? ? ? 1_555 C GLY 21 N ? ? C HYP 80 C GLY 81 1_555 ? ? ? ? ? ? ? 1.328 ? ? 
covale49 covale both ? C PRO 22 C ? ? ? 1_555 C HYP 23 N ? ? C PRO 82 C HYP 83 1_555 ? ? ? ? ? ? ? 1.338 ? ? 
covale50 covale both ? C HYP 23 C ? ? ? 1_555 C GLY 24 N ? ? C HYP 83 C GLY 84 1_555 ? ? ? ? ? ? ? 1.329 ? ? 
covale51 covale both ? C PRO 25 C ? ? ? 1_555 C HYP 26 N ? ? C PRO 85 C HYP 86 1_555 ? ? ? ? ? ? ? 1.342 ? ? 
covale52 covale both ? C HYP 26 C ? ? ? 1_555 C GLY 27 N ? ? C HYP 86 C GLY 87 1_555 ? ? ? ? ? ? ? 1.327 ? ? 
covale53 covale both ? C PRO 28 C ? ? ? 1_555 C HYP 29 N ? ? C PRO 88 C HYP 89 1_555 ? ? ? ? ? ? ? 1.346 ? ? 
# 
_struct_conn_type.id          covale 
_struct_conn_type.criteria    ? 
_struct_conn_type.reference   ? 
# 
loop_
_pdbx_modification_feature.ordinal 
_pdbx_modification_feature.label_comp_id 
_pdbx_modification_feature.label_asym_id 
_pdbx_modification_feature.label_seq_id 
_pdbx_modification_feature.label_alt_id 
_pdbx_modification_feature.modified_residue_label_comp_id 
_pdbx_modification_feature.modified_residue_label_asym_id 
_pdbx_modification_feature.modified_residue_label_seq_id 
_pdbx_modification_feature.modified_residue_label_alt_id 
_pdbx_modification_feature.auth_comp_id 
_pdbx_modification_feature.auth_asym_id 
_pdbx_modification_feature.auth_seq_id 
_pdbx_modification_feature.PDB_ins_code 
_pdbx_modification_feature.symmetry 
_pdbx_modification_feature.modified_residue_auth_comp_id 
_pdbx_modification_feature.modified_residue_auth_asym_id 
_pdbx_modification_feature.modified_residue_auth_seq_id 
_pdbx_modification_feature.modified_residue_PDB_ins_code 
_pdbx_modification_feature.modified_residue_symmetry 
_pdbx_modification_feature.comp_id_linking_atom 
_pdbx_modification_feature.modified_residue_id_linking_atom 
_pdbx_modification_feature.modified_residue_id 
_pdbx_modification_feature.ref_pcm_id 
_pdbx_modification_feature.ref_comp_id 
_pdbx_modification_feature.type 
_pdbx_modification_feature.category 
1  HYP A 2  ? . . . . HYP A 2  ? 1_555 . . . . . . . PRO 1 HYP Hydroxylation 'Named protein modification' 
2  HYP A 5  ? . . . . HYP A 5  ? 1_555 . . . . . . . PRO 1 HYP Hydroxylation 'Named protein modification' 
3  HYP A 8  ? . . . . HYP A 8  ? 1_555 . . . . . . . PRO 1 HYP Hydroxylation 'Named protein modification' 
4  HYP A 11 ? . . . . HYP A 11 ? 1_555 . . . . . . . PRO 1 HYP Hydroxylation 'Named protein modification' 
5  HYP A 17 ? . . . . HYP A 17 ? 1_555 . . . . . . . PRO 1 HYP Hydroxylation 'Named protein modification' 
6  HYP A 20 ? . . . . HYP A 20 ? 1_555 . . . . . . . PRO 1 HYP Hydroxylation 'Named protein modification' 
7  HYP A 23 ? . . . . HYP A 23 ? 1_555 . . . . . . . PRO 1 HYP Hydroxylation 'Named protein modification' 
8  HYP A 26 ? . . . . HYP A 26 ? 1_555 . . . . . . . PRO 1 HYP Hydroxylation 'Named protein modification' 
9  HYP A 29 ? . . . . HYP A 29 ? 1_555 . . . . . . . PRO 1 HYP Hydroxylation 'Named protein modification' 
10 HYP B 2  ? . . . . HYP B 32 ? 1_555 . . . . . . . PRO 1 HYP Hydroxylation 'Named protein modification' 
11 HYP B 5  ? . . . . HYP B 35 ? 1_555 . . . . . . . PRO 1 HYP Hydroxylation 'Named protein modification' 
12 HYP B 8  ? . . . . HYP B 38 ? 1_555 . . . . . . . PRO 1 HYP Hydroxylation 'Named protein modification' 
13 HYP B 11 ? . . . . HYP B 41 ? 1_555 . . . . . . . PRO 1 HYP Hydroxylation 'Named protein modification' 
14 HYP B 17 ? . . . . HYP B 47 ? 1_555 . . . . . . . PRO 1 HYP Hydroxylation 'Named protein modification' 
15 HYP B 20 ? . . . . HYP B 50 ? 1_555 . . . . . . . PRO 1 HYP Hydroxylation 'Named protein modification' 
16 HYP B 23 ? . . . . HYP B 53 ? 1_555 . . . . . . . PRO 1 HYP Hydroxylation 'Named protein modification' 
17 HYP B 26 ? . . . . HYP B 56 ? 1_555 . . . . . . . PRO 1 HYP Hydroxylation 'Named protein modification' 
18 HYP B 29 ? . . . . HYP B 59 ? 1_555 . . . . . . . PRO 1 HYP Hydroxylation 'Named protein modification' 
19 HYP C 2  ? . . . . HYP C 62 ? 1_555 . . . . . . . PRO 1 HYP Hydroxylation 'Named protein modification' 
20 HYP C 5  ? . . . . HYP C 65 ? 1_555 . . . . . . . PRO 1 HYP Hydroxylation 'Named protein modification' 
21 HYP C 8  ? . . . . HYP C 68 ? 1_555 . . . . . . . PRO 1 HYP Hydroxylation 'Named protein modification' 
22 HYP C 11 ? . . . . HYP C 71 ? 1_555 . . . . . . . PRO 1 HYP Hydroxylation 'Named protein modification' 
23 HYP C 17 ? . . . . HYP C 77 ? 1_555 . . . . . . . PRO 1 HYP Hydroxylation 'Named protein modification' 
24 HYP C 20 ? . . . . HYP C 80 ? 1_555 . . . . . . . PRO 1 HYP Hydroxylation 'Named protein modification' 
25 HYP C 23 ? . . . . HYP C 83 ? 1_555 . . . . . . . PRO 1 HYP Hydroxylation 'Named protein modification' 
26 HYP C 26 ? . . . . HYP C 86 ? 1_555 . . . . . . . PRO 1 HYP Hydroxylation 'Named protein modification' 
27 HYP C 29 ? . . . . HYP C 89 ? 1_555 . . . . . . . PRO 1 HYP Hydroxylation 'Named protein modification' 
# 
_pdbx_entry_details.entry_id                   1QSU 
_pdbx_entry_details.compound_details           ? 
_pdbx_entry_details.source_details             ? 
_pdbx_entry_details.nonpolymer_details         ? 
_pdbx_entry_details.sequence_details           ? 
_pdbx_entry_details.has_ligand_of_interest     ? 
_pdbx_entry_details.has_protein_modification   Y 
# 
loop_
_pdbx_struct_mod_residue.id 
_pdbx_struct_mod_residue.label_asym_id 
_pdbx_struct_mod_residue.label_comp_id 
_pdbx_struct_mod_residue.label_seq_id 
_pdbx_struct_mod_residue.auth_asym_id 
_pdbx_struct_mod_residue.auth_comp_id 
_pdbx_struct_mod_residue.auth_seq_id 
_pdbx_struct_mod_residue.PDB_ins_code 
_pdbx_struct_mod_residue.parent_comp_id 
_pdbx_struct_mod_residue.details 
1  A HYP 2  A HYP 2  ? PRO 4-HYDROXYPROLINE 
2  A HYP 5  A HYP 5  ? PRO 4-HYDROXYPROLINE 
3  A HYP 8  A HYP 8  ? PRO 4-HYDROXYPROLINE 
4  A HYP 11 A HYP 11 ? PRO 4-HYDROXYPROLINE 
5  A HYP 17 A HYP 17 ? PRO 4-HYDROXYPROLINE 
6  A HYP 20 A HYP 20 ? PRO 4-HYDROXYPROLINE 
7  A HYP 23 A HYP 23 ? PRO 4-HYDROXYPROLINE 
8  A HYP 26 A HYP 26 ? PRO 4-HYDROXYPROLINE 
9  A HYP 29 A HYP 29 ? PRO 4-HYDROXYPROLINE 
10 B HYP 2  B HYP 32 ? PRO 4-HYDROXYPROLINE 
11 B HYP 5  B HYP 35 ? PRO 4-HYDROXYPROLINE 
12 B HYP 8  B HYP 38 ? PRO 4-HYDROXYPROLINE 
13 B HYP 11 B HYP 41 ? PRO 4-HYDROXYPROLINE 
14 B HYP 17 B HYP 47 ? PRO 4-HYDROXYPROLINE 
15 B HYP 20 B HYP 50 ? PRO 4-HYDROXYPROLINE 
16 B HYP 23 B HYP 53 ? PRO 4-HYDROXYPROLINE 
17 B HYP 26 B HYP 56 ? PRO 4-HYDROXYPROLINE 
18 B HYP 29 B HYP 59 ? PRO 4-HYDROXYPROLINE 
19 C HYP 2  C HYP 62 ? PRO 4-HYDROXYPROLINE 
20 C HYP 5  C HYP 65 ? PRO 4-HYDROXYPROLINE 
21 C HYP 8  C HYP 68 ? PRO 4-HYDROXYPROLINE 
22 C HYP 11 C HYP 71 ? PRO 4-HYDROXYPROLINE 
23 C HYP 17 C HYP 77 ? PRO 4-HYDROXYPROLINE 
24 C HYP 20 C HYP 80 ? PRO 4-HYDROXYPROLINE 
25 C HYP 23 C HYP 83 ? PRO 4-HYDROXYPROLINE 
26 C HYP 26 C HYP 86 ? PRO 4-HYDROXYPROLINE 
27 C HYP 29 C HYP 89 ? PRO 4-HYDROXYPROLINE 
# 
_pdbx_unobs_or_zero_occ_residues.id               1 
_pdbx_unobs_or_zero_occ_residues.PDB_model_num    1 
_pdbx_unobs_or_zero_occ_residues.polymer_flag     Y 
_pdbx_unobs_or_zero_occ_residues.occupancy_flag   1 
_pdbx_unobs_or_zero_occ_residues.auth_asym_id     C 
_pdbx_unobs_or_zero_occ_residues.auth_comp_id     GLY 
_pdbx_unobs_or_zero_occ_residues.auth_seq_id      90 
_pdbx_unobs_or_zero_occ_residues.PDB_ins_code     ? 
_pdbx_unobs_or_zero_occ_residues.label_asym_id    C 
_pdbx_unobs_or_zero_occ_residues.label_comp_id    GLY 
_pdbx_unobs_or_zero_occ_residues.label_seq_id     30 
# 
loop_
_chem_comp_atom.comp_id 
_chem_comp_atom.atom_id 
_chem_comp_atom.type_symbol 
_chem_comp_atom.pdbx_aromatic_flag 
_chem_comp_atom.pdbx_stereo_config 
_chem_comp_atom.pdbx_ordinal 
GLU N    N N N 1  
GLU CA   C N S 2  
GLU C    C N N 3  
GLU O    O N N 4  
GLU CB   C N N 5  
GLU CG   C N N 6  
GLU CD   C N N 7  
GLU OE1  O N N 8  
GLU OE2  O N N 9  
GLU OXT  O N N 10 
GLU H    H N N 11 
GLU H2   H N N 12 
GLU HA   H N N 13 
GLU HB2  H N N 14 
GLU HB3  H N N 15 
GLU HG2  H N N 16 
GLU HG3  H N N 17 
GLU HE2  H N N 18 
GLU HXT  H N N 19 
GLY N    N N N 20 
GLY CA   C N N 21 
GLY C    C N N 22 
GLY O    O N N 23 
GLY OXT  O N N 24 
GLY H    H N N 25 
GLY H2   H N N 26 
GLY HA2  H N N 27 
GLY HA3  H N N 28 
GLY HXT  H N N 29 
HOH O    O N N 30 
HOH H1   H N N 31 
HOH H2   H N N 32 
HYP N    N N N 33 
HYP CA   C N S 34 
HYP C    C N N 35 
HYP O    O N N 36 
HYP CB   C N N 37 
HYP CG   C N R 38 
HYP CD   C N N 39 
HYP OD1  O N N 40 
HYP OXT  O N N 41 
HYP H    H N N 42 
HYP HA   H N N 43 
HYP HB2  H N N 44 
HYP HB3  H N N 45 
HYP HG   H N N 46 
HYP HD22 H N N 47 
HYP HD23 H N N 48 
HYP HD1  H N N 49 
HYP HXT  H N N 50 
LYS N    N N N 51 
LYS CA   C N S 52 
LYS C    C N N 53 
LYS O    O N N 54 
LYS CB   C N N 55 
LYS CG   C N N 56 
LYS CD   C N N 57 
LYS CE   C N N 58 
LYS NZ   N N N 59 
LYS OXT  O N N 60 
LYS H    H N N 61 
LYS H2   H N N 62 
LYS HA   H N N 63 
LYS HB2  H N N 64 
LYS HB3  H N N 65 
LYS HG2  H N N 66 
LYS HG3  H N N 67 
LYS HD2  H N N 68 
LYS HD3  H N N 69 
LYS HE2  H N N 70 
LYS HE3  H N N 71 
LYS HZ1  H N N 72 
LYS HZ2  H N N 73 
LYS HZ3  H N N 74 
LYS HXT  H N N 75 
PRO N    N N N 76 
PRO CA   C N S 77 
PRO C    C N N 78 
PRO O    O N N 79 
PRO CB   C N N 80 
PRO CG   C N N 81 
PRO CD   C N N 82 
PRO OXT  O N N 83 
PRO H    H N N 84 
PRO HA   H N N 85 
PRO HB2  H N N 86 
PRO HB3  H N N 87 
PRO HG2  H N N 88 
PRO HG3  H N N 89 
PRO HD2  H N N 90 
PRO HD3  H N N 91 
PRO HXT  H N N 92 
# 
loop_
_chem_comp_bond.comp_id 
_chem_comp_bond.atom_id_1 
_chem_comp_bond.atom_id_2 
_chem_comp_bond.value_order 
_chem_comp_bond.pdbx_aromatic_flag 
_chem_comp_bond.pdbx_stereo_config 
_chem_comp_bond.pdbx_ordinal 
GLU N   CA   sing N N 1  
GLU N   H    sing N N 2  
GLU N   H2   sing N N 3  
GLU CA  C    sing N N 4  
GLU CA  CB   sing N N 5  
GLU CA  HA   sing N N 6  
GLU C   O    doub N N 7  
GLU C   OXT  sing N N 8  
GLU CB  CG   sing N N 9  
GLU CB  HB2  sing N N 10 
GLU CB  HB3  sing N N 11 
GLU CG  CD   sing N N 12 
GLU CG  HG2  sing N N 13 
GLU CG  HG3  sing N N 14 
GLU CD  OE1  doub N N 15 
GLU CD  OE2  sing N N 16 
GLU OE2 HE2  sing N N 17 
GLU OXT HXT  sing N N 18 
GLY N   CA   sing N N 19 
GLY N   H    sing N N 20 
GLY N   H2   sing N N 21 
GLY CA  C    sing N N 22 
GLY CA  HA2  sing N N 23 
GLY CA  HA3  sing N N 24 
GLY C   O    doub N N 25 
GLY C   OXT  sing N N 26 
GLY OXT HXT  sing N N 27 
HOH O   H1   sing N N 28 
HOH O   H2   sing N N 29 
HYP N   CA   sing N N 30 
HYP N   CD   sing N N 31 
HYP N   H    sing N N 32 
HYP CA  C    sing N N 33 
HYP CA  CB   sing N N 34 
HYP CA  HA   sing N N 35 
HYP C   O    doub N N 36 
HYP C   OXT  sing N N 37 
HYP CB  CG   sing N N 38 
HYP CB  HB2  sing N N 39 
HYP CB  HB3  sing N N 40 
HYP CG  CD   sing N N 41 
HYP CG  OD1  sing N N 42 
HYP CG  HG   sing N N 43 
HYP CD  HD22 sing N N 44 
HYP CD  HD23 sing N N 45 
HYP OD1 HD1  sing N N 46 
HYP OXT HXT  sing N N 47 
LYS N   CA   sing N N 48 
LYS N   H    sing N N 49 
LYS N   H2   sing N N 50 
LYS CA  C    sing N N 51 
LYS CA  CB   sing N N 52 
LYS CA  HA   sing N N 53 
LYS C   O    doub N N 54 
LYS C   OXT  sing N N 55 
LYS CB  CG   sing N N 56 
LYS CB  HB2  sing N N 57 
LYS CB  HB3  sing N N 58 
LYS CG  CD   sing N N 59 
LYS CG  HG2  sing N N 60 
LYS CG  HG3  sing N N 61 
LYS CD  CE   sing N N 62 
LYS CD  HD2  sing N N 63 
LYS CD  HD3  sing N N 64 
LYS CE  NZ   sing N N 65 
LYS CE  HE2  sing N N 66 
LYS CE  HE3  sing N N 67 
LYS NZ  HZ1  sing N N 68 
LYS NZ  HZ2  sing N N 69 
LYS NZ  HZ3  sing N N 70 
LYS OXT HXT  sing N N 71 
PRO N   CA   sing N N 72 
PRO N   CD   sing N N 73 
PRO N   H    sing N N 74 
PRO CA  C    sing N N 75 
PRO CA  CB   sing N N 76 
PRO CA  HA   sing N N 77 
PRO C   O    doub N N 78 
PRO C   OXT  sing N N 79 
PRO CB  CG   sing N N 80 
PRO CB  HB2  sing N N 81 
PRO CB  HB3  sing N N 82 
PRO CG  CD   sing N N 83 
PRO CG  HG2  sing N N 84 
PRO CG  HG3  sing N N 85 
PRO CD  HD2  sing N N 86 
PRO CD  HD3  sing N N 87 
PRO OXT HXT  sing N N 88 
# 
_atom_sites.entry_id                    1QSU 
_atom_sites.fract_transf_matrix[1][1]   0.03002823 
_atom_sites.fract_transf_matrix[1][2]   -0.01226689 
_atom_sites.fract_transf_matrix[1][3]   0.01111704 
_atom_sites.fract_transf_matrix[2][1]   0.01622845 
_atom_sites.fract_transf_matrix[2][2]   0.03317452 
_atom_sites.fract_transf_matrix[2][3]   -0.00722884 
_atom_sites.fract_transf_matrix[3][1]   -0.00271172 
_atom_sites.fract_transf_matrix[3][2]   0.00588817 
_atom_sites.fract_transf_matrix[3][3]   0.02093426 
_atom_sites.fract_transf_vector[1]      0.365075 
_atom_sites.fract_transf_vector[2]      0.491366 
_atom_sites.fract_transf_vector[3]      0.434186 
# 
loop_
_atom_type.symbol 
C 
N 
O 
# 
loop_
_atom_site.group_PDB 
_atom_site.id 
_atom_site.type_symbol 
_atom_site.label_atom_id 
_atom_site.label_alt_id 
_atom_site.label_comp_id 
_atom_site.label_asym_id 
_atom_site.label_entity_id 
_atom_site.label_seq_id 
_atom_site.pdbx_PDB_ins_code 
_atom_site.Cartn_x 
_atom_site.Cartn_y 
_atom_site.Cartn_z 
_atom_site.occupancy 
_atom_site.B_iso_or_equiv 
_atom_site.pdbx_formal_charge 
_atom_site.auth_seq_id 
_atom_site.auth_comp_id 
_atom_site.auth_asym_id 
_atom_site.auth_atom_id 
_atom_site.pdbx_PDB_model_num 
ATOM   1   N N   . PRO A 1 1  ? -20.493 15.275  36.807  1.00 26.07 ? 1   PRO A N   1 
ATOM   2   C CA  . PRO A 1 1  ? -19.595 14.216  36.282  1.00 25.38 ? 1   PRO A CA  1 
ATOM   3   C C   . PRO A 1 1  ? -19.175 14.535  34.847  1.00 24.47 ? 1   PRO A C   1 
ATOM   4   O O   . PRO A 1 1  ? -19.840 15.311  34.157  1.00 24.48 ? 1   PRO A O   1 
ATOM   5   C CB  . PRO A 1 1  ? -20.339 12.889  36.330  1.00 25.97 ? 1   PRO A CB  1 
ATOM   6   C CG  . PRO A 1 1  ? -21.785 13.302  36.566  1.00 26.29 ? 1   PRO A CG  1 
ATOM   7   C CD  . PRO A 1 1  ? -21.826 14.733  37.125  1.00 26.63 ? 1   PRO A CD  1 
HETATM 8   N N   . HYP A 1 2  ? -18.056 13.947  34.385  1.00 23.36 ? 2   HYP A N   1 
HETATM 9   C CA  . HYP A 1 2  ? -17.573 14.190  33.021  1.00 21.80 ? 2   HYP A CA  1 
HETATM 10  C C   . HYP A 1 2  ? -18.594 13.791  31.959  1.00 20.27 ? 2   HYP A C   1 
HETATM 11  O O   . HYP A 1 2  ? -19.423 12.905  32.180  1.00 20.22 ? 2   HYP A O   1 
HETATM 12  C CB  . HYP A 1 2  ? -16.302 13.339  32.927  1.00 22.71 ? 2   HYP A CB  1 
HETATM 13  C CG  . HYP A 1 2  ? -15.892 13.105  34.337  1.00 23.15 ? 2   HYP A CG  1 
HETATM 14  C CD  . HYP A 1 2  ? -17.169 13.032  35.122  1.00 23.79 ? 2   HYP A CD  1 
HETATM 15  O OD1 . HYP A 1 2  ? -15.109 14.209  34.797  1.00 25.04 ? 2   HYP A OD1 1 
ATOM   16  N N   . GLY A 1 3  ? -18.526 14.448  30.805  1.00 17.76 ? 3   GLY A N   1 
ATOM   17  C CA  . GLY A 1 3  ? -19.445 14.136  29.727  1.00 15.60 ? 3   GLY A CA  1 
ATOM   18  C C   . GLY A 1 3  ? -19.084 12.822  29.062  1.00 14.46 ? 3   GLY A C   1 
ATOM   19  O O   . GLY A 1 3  ? -18.173 12.126  29.521  1.00 14.17 ? 3   GLY A O   1 
ATOM   20  N N   . PRO A 1 4  ? -19.776 12.448  27.973  1.00 12.87 ? 4   PRO A N   1 
ATOM   21  C CA  . PRO A 1 4  ? -19.464 11.185  27.297  1.00 11.27 ? 4   PRO A CA  1 
ATOM   22  C C   . PRO A 1 4  ? -18.096 11.216  26.626  1.00 9.82  ? 4   PRO A C   1 
ATOM   23  O O   . PRO A 1 4  ? -17.550 12.287  26.357  1.00 9.24  ? 4   PRO A O   1 
ATOM   24  C CB  . PRO A 1 4  ? -20.588 11.034  26.275  1.00 12.82 ? 4   PRO A CB  1 
ATOM   25  C CG  . PRO A 1 4  ? -21.045 12.428  26.015  1.00 12.33 ? 4   PRO A CG  1 
ATOM   26  C CD  . PRO A 1 4  ? -20.877 13.171  27.311  1.00 13.02 ? 4   PRO A CD  1 
HETATM 27  N N   . HYP A 1 5  ? -17.504 10.038  26.385  1.00 8.81  ? 5   HYP A N   1 
HETATM 28  C CA  . HYP A 1 5  ? -16.193 10.025  25.729  1.00 7.94  ? 5   HYP A CA  1 
HETATM 29  C C   . HYP A 1 5  ? -16.305 10.660  24.347  1.00 7.78  ? 5   HYP A C   1 
HETATM 30  O O   . HYP A 1 5  ? -17.385 10.682  23.752  1.00 8.70  ? 5   HYP A O   1 
HETATM 31  C CB  . HYP A 1 5  ? -15.849 8.537   25.639  1.00 8.63  ? 5   HYP A CB  1 
HETATM 32  C CG  . HYP A 1 5  ? -16.680 7.889   26.703  1.00 7.90  ? 5   HYP A CG  1 
HETATM 33  C CD  . HYP A 1 5  ? -17.959 8.681   26.730  1.00 8.35  ? 5   HYP A CD  1 
HETATM 34  O OD1 . HYP A 1 5  ? -16.019 8.006   27.966  1.00 9.81  ? 5   HYP A OD1 1 
ATOM   35  N N   . GLY A 1 6  ? -15.194 11.180  23.841  1.00 6.99  ? 6   GLY A N   1 
ATOM   36  C CA  . GLY A 1 6  ? -15.208 11.782  22.520  1.00 5.91  ? 6   GLY A CA  1 
ATOM   37  C C   . GLY A 1 6  ? -15.445 10.728  21.452  1.00 6.16  ? 6   GLY A C   1 
ATOM   38  O O   . GLY A 1 6  ? -15.431 9.524   21.743  1.00 5.77  ? 6   GLY A O   1 
ATOM   39  N N   . PRO A 1 7  ? -15.671 11.146  20.199  1.00 5.57  ? 7   PRO A N   1 
ATOM   40  C CA  . PRO A 1 7  ? -15.910 10.212  19.098  1.00 6.46  ? 7   PRO A CA  1 
ATOM   41  C C   . PRO A 1 7  ? -14.607 9.598   18.616  1.00 6.21  ? 7   PRO A C   1 
ATOM   42  O O   . PRO A 1 7  ? -13.529 10.111  18.908  1.00 5.93  ? 7   PRO A O   1 
ATOM   43  C CB  . PRO A 1 7  ? -16.522 11.091  18.019  1.00 7.65  ? 7   PRO A CB  1 
ATOM   44  C CG  . PRO A 1 7  ? -15.856 12.402  18.236  1.00 7.32  ? 7   PRO A CG  1 
ATOM   45  C CD  . PRO A 1 7  ? -15.716 12.544  19.737  1.00 7.16  ? 7   PRO A CD  1 
HETATM 46  N N   . HYP A 1 8  ? -14.691 8.478   17.886  1.00 7.03  ? 8   HYP A N   1 
HETATM 47  C CA  . HYP A 1 8  ? -13.481 7.837   17.373  1.00 7.18  ? 8   HYP A CA  1 
HETATM 48  C C   . HYP A 1 8  ? -12.740 8.826   16.490  1.00 7.09  ? 8   HYP A C   1 
HETATM 49  O O   . HYP A 1 8  ? -13.362 9.683   15.852  1.00 6.92  ? 8   HYP A O   1 
HETATM 50  C CB  . HYP A 1 8  ? -14.014 6.657   16.566  1.00 8.48  ? 8   HYP A CB  1 
HETATM 51  C CG  . HYP A 1 8  ? -15.342 6.370   17.162  1.00 8.28  ? 8   HYP A CG  1 
HETATM 52  C CD  . HYP A 1 8  ? -15.899 7.715   17.534  1.00 8.61  ? 8   HYP A CD  1 
HETATM 53  O OD1 . HYP A 1 8  ? -15.181 5.574   18.343  1.00 10.43 ? 8   HYP A OD1 1 
ATOM   54  N N   . GLY A 1 9  ? -11.419 8.704   16.445  1.00 7.26  ? 9   GLY A N   1 
ATOM   55  C CA  . GLY A 1 9  ? -10.631 9.603   15.624  1.00 7.65  ? 9   GLY A CA  1 
ATOM   56  C C   . GLY A 1 9  ? -10.790 9.313   14.143  1.00 8.36  ? 9   GLY A C   1 
ATOM   57  O O   . GLY A 1 9  ? -11.423 8.321   13.764  1.00 9.29  ? 9   GLY A O   1 
ATOM   58  N N   . PRO A 1 10 ? -10.235 10.169  13.275  1.00 9.02  ? 10  PRO A N   1 
ATOM   59  C CA  . PRO A 1 10 ? -10.324 9.985   11.824  1.00 8.89  ? 10  PRO A CA  1 
ATOM   60  C C   . PRO A 1 10 ? -9.512  8.771   11.375  1.00 8.72  ? 10  PRO A C   1 
ATOM   61  O O   . PRO A 1 10 ? -8.657  8.281   12.113  1.00 7.64  ? 10  PRO A O   1 
ATOM   62  C CB  . PRO A 1 10 ? -9.751  11.283  11.264  1.00 9.70  ? 10  PRO A CB  1 
ATOM   63  C CG  . PRO A 1 10 ? -8.844  11.776  12.330  1.00 10.23 ? 10  PRO A CG  1 
ATOM   64  C CD  . PRO A 1 10 ? -9.481  11.384  13.630  1.00 9.44  ? 10  PRO A CD  1 
HETATM 65  N N   . HYP A 1 11 ? -9.782  8.259   10.164  1.00 9.43  ? 11  HYP A N   1 
HETATM 66  C CA  . HYP A 1 11 ? -9.039  7.096   9.670   1.00 9.03  ? 11  HYP A CA  1 
HETATM 67  C C   . HYP A 1 11 ? -7.547  7.388   9.566   1.00 9.02  ? 11  HYP A C   1 
HETATM 68  O O   . HYP A 1 11 ? -7.142  8.545   9.460   1.00 7.81  ? 11  HYP A O   1 
HETATM 69  C CB  . HYP A 1 11 ? -9.655  6.825   8.298   1.00 10.78 ? 11  HYP A CB  1 
HETATM 70  C CG  . HYP A 1 11 ? -10.974 7.519   8.316   1.00 10.74 ? 11  HYP A CG  1 
HETATM 71  C CD  . HYP A 1 11 ? -10.798 8.713   9.198   1.00 9.65  ? 11  HYP A CD  1 
HETATM 72  O OD1 . HYP A 1 11 ? -11.966 6.656   8.874   1.00 12.17 ? 11  HYP A OD1 1 
ATOM   73  N N   . GLY A 1 12 ? -6.736  6.337   9.593   1.00 9.24  ? 12  GLY A N   1 
ATOM   74  C CA  . GLY A 1 12 ? -5.299  6.515   9.489   1.00 10.03 ? 12  GLY A CA  1 
ATOM   75  C C   . GLY A 1 12 ? -4.878  6.889   8.080   1.00 10.99 ? 12  GLY A C   1 
ATOM   76  O O   . GLY A 1 12 ? -5.716  6.978   7.180   1.00 10.84 ? 12  GLY A O   1 
ATOM   77  N N   . GLU A 1 13 ? -3.582  7.111   7.884   1.00 11.94 ? 13  GLU A N   1 
ATOM   78  C CA  . GLU A 1 13 ? -3.066  7.475   6.571   1.00 13.06 ? 13  GLU A CA  1 
ATOM   79  C C   . GLU A 1 13 ? -3.053  6.259   5.651   1.00 13.64 ? 13  GLU A C   1 
ATOM   80  O O   . GLU A 1 13 ? -3.004  5.117   6.112   1.00 11.68 ? 13  GLU A O   1 
ATOM   81  C CB  . GLU A 1 13 ? -1.653  8.058   6.696   1.00 13.92 ? 13  GLU A CB  1 
ATOM   82  C CG  . GLU A 1 13 ? -0.592  7.069   7.156   0.41 14.07 ? 13  GLU A CG  1 
ATOM   83  C CD  . GLU A 1 13 ? 0.823   7.611   7.009   0.41 14.75 ? 13  GLU A CD  1 
ATOM   84  O OE1 . GLU A 1 13 ? 1.771   6.921   7.441   0.41 14.08 ? 13  GLU A OE1 1 
ATOM   85  O OE2 . GLU A 1 13 ? 0.988   8.725   6.463   0.41 14.47 ? 13  GLU A OE2 1 
ATOM   86  N N   . LYS A 1 14 ? -3.121  6.514   4.348   1.00 14.85 ? 14  LYS A N   1 
ATOM   87  C CA  . LYS A 1 14 ? -3.108  5.444   3.361   1.00 15.67 ? 14  LYS A CA  1 
ATOM   88  C C   . LYS A 1 14 ? -1.792  4.695   3.485   1.00 15.34 ? 14  LYS A C   1 
ATOM   89  O O   . LYS A 1 14 ? -0.759  5.298   3.772   1.00 15.72 ? 14  LYS A O   1 
ATOM   90  C CB  . LYS A 1 14 ? -3.238  6.031   1.952   1.00 17.96 ? 14  LYS A CB  1 
ATOM   91  C CG  . LYS A 1 14 ? -3.533  5.007   0.866   1.00 20.53 ? 14  LYS A CG  1 
ATOM   92  C CD  . LYS A 1 14 ? -3.617  5.670   -0.505  1.00 22.23 ? 14  LYS A CD  1 
ATOM   93  C CE  . LYS A 1 14 ? -4.698  5.036   -1.376  1.00 23.63 ? 14  LYS A CE  1 
ATOM   94  N NZ  . LYS A 1 14 ? -4.612  3.547   -1.438  1.00 23.02 ? 14  LYS A NZ  1 
ATOM   95  N N   . GLY A 1 15 ? -1.829  3.383   3.277   1.00 15.41 ? 15  GLY A N   1 
ATOM   96  C CA  . GLY A 1 15 ? -0.617  2.588   3.374   1.00 14.69 ? 15  GLY A CA  1 
ATOM   97  C C   . GLY A 1 15 ? 0.386   2.953   2.295   1.00 14.95 ? 15  GLY A C   1 
ATOM   98  O O   . GLY A 1 15 ? 0.033   3.622   1.324   1.00 14.79 ? 15  GLY A O   1 
ATOM   99  N N   . PRO A 1 16 ? 1.651   2.531   2.432   1.00 15.02 ? 16  PRO A N   1 
ATOM   100 C CA  . PRO A 1 16 ? 2.663   2.853   1.421   1.00 14.89 ? 16  PRO A CA  1 
ATOM   101 C C   . PRO A 1 16 ? 2.511   1.963   0.192   1.00 14.19 ? 16  PRO A C   1 
ATOM   102 O O   . PRO A 1 16 ? 1.871   0.912   0.255   1.00 13.14 ? 16  PRO A O   1 
ATOM   103 C CB  . PRO A 1 16 ? 3.977   2.609   2.149   1.00 15.79 ? 16  PRO A CB  1 
ATOM   104 C CG  . PRO A 1 16 ? 3.647   1.517   3.122   1.00 16.19 ? 16  PRO A CG  1 
ATOM   105 C CD  . PRO A 1 16 ? 2.207   1.721   3.531   1.00 15.37 ? 16  PRO A CD  1 
HETATM 106 N N   . HYP A 1 17 ? 3.101   2.367   -0.945  1.00 14.50 ? 17  HYP A N   1 
HETATM 107 C CA  . HYP A 1 17 ? 3.000   1.568   -2.171  1.00 13.55 ? 17  HYP A CA  1 
HETATM 108 C C   . HYP A 1 17 ? 3.518   0.147   -1.975  1.00 12.90 ? 17  HYP A C   1 
HETATM 109 O O   . HYP A 1 17 ? 4.425   -0.088  -1.177  1.00 12.92 ? 17  HYP A O   1 
HETATM 110 C CB  . HYP A 1 17 ? 3.846   2.339   -3.185  1.00 14.10 ? 17  HYP A CB  1 
HETATM 111 C CG  . HYP A 1 17 ? 3.972   3.713   -2.629  1.00 14.68 ? 17  HYP A CG  1 
HETATM 112 C CD  . HYP A 1 17 ? 3.907   3.584   -1.140  1.00 14.92 ? 17  HYP A CD  1 
HETATM 113 O OD1 . HYP A 1 17 ? 2.888   4.521   -3.086  1.00 16.33 ? 17  HYP A OD1 1 
ATOM   114 N N   . GLY A 1 18 ? 2.941   -0.797  -2.708  1.00 12.74 ? 18  GLY A N   1 
ATOM   115 C CA  . GLY A 1 18 ? 3.371   -2.178  -2.593  1.00 12.34 ? 18  GLY A CA  1 
ATOM   116 C C   . GLY A 1 18 ? 4.764   -2.385  -3.157  1.00 11.54 ? 18  GLY A C   1 
ATOM   117 O O   . GLY A 1 18 ? 5.371   -1.442  -3.676  1.00 10.83 ? 18  GLY A O   1 
ATOM   118 N N   . PRO A 1 19 ? 5.301   -3.612  -3.070  1.00 11.24 ? 19  PRO A N   1 
ATOM   119 C CA  . PRO A 1 19 ? 6.638   -3.923  -3.580  1.00 11.18 ? 19  PRO A CA  1 
ATOM   120 C C   . PRO A 1 19 ? 6.632   -4.065  -5.098  1.00 10.41 ? 19  PRO A C   1 
ATOM   121 O O   . PRO A 1 19 ? 5.577   -4.214  -5.708  1.00 10.17 ? 19  PRO A O   1 
ATOM   122 C CB  . PRO A 1 19 ? 6.977   -5.237  -2.891  1.00 12.53 ? 19  PRO A CB  1 
ATOM   123 C CG  . PRO A 1 19 ? 5.651   -5.906  -2.745  1.00 12.38 ? 19  PRO A CG  1 
ATOM   124 C CD  . PRO A 1 19 ? 4.657   -4.798  -2.474  1.00 11.48 ? 19  PRO A CD  1 
HETATM 125 N N   . HYP A 1 20 ? 7.816   -4.016  -5.723  1.00 10.01 ? 20  HYP A N   1 
HETATM 126 C CA  . HYP A 1 20 ? 7.896   -4.145  -7.180  1.00 9.55  ? 20  HYP A CA  1 
HETATM 127 C C   . HYP A 1 20 ? 7.299   -5.464  -7.659  1.00 9.60  ? 20  HYP A C   1 
HETATM 128 O O   . HYP A 1 20 ? 7.391   -6.489  -6.975  1.00 9.67  ? 20  HYP A O   1 
HETATM 129 C CB  . HYP A 1 20 ? 9.395   -4.063  -7.469  1.00 10.31 ? 20  HYP A CB  1 
HETATM 130 C CG  . HYP A 1 20 ? 9.974   -3.363  -6.273  1.00 10.76 ? 20  HYP A CG  1 
HETATM 131 C CD  . HYP A 1 20 ? 9.145   -3.830  -5.116  1.00 10.18 ? 20  HYP A CD  1 
HETATM 132 O OD1 . HYP A 1 20 ? 9.831   -1.949  -6.422  1.00 12.38 ? 20  HYP A OD1 1 
ATOM   133 N N   . GLY A 1 21 ? 6.689   -5.436  -8.837  1.00 8.43  ? 21  GLY A N   1 
ATOM   134 C CA  . GLY A 1 21 ? 6.098   -6.642  -9.380  1.00 7.03  ? 21  GLY A CA  1 
ATOM   135 C C   . GLY A 1 21 ? 7.165   -7.628  -9.808  1.00 7.45  ? 21  GLY A C   1 
ATOM   136 O O   . GLY A 1 21 ? 8.359   -7.316  -9.780  1.00 7.03  ? 21  GLY A O   1 
ATOM   137 N N   . PRO A 1 22 ? 6.765   -8.837  -10.220 1.00 7.65  ? 22  PRO A N   1 
ATOM   138 C CA  . PRO A 1 22 ? 7.730   -9.852  -10.654 1.00 7.23  ? 22  PRO A CA  1 
ATOM   139 C C   . PRO A 1 22 ? 8.366   -9.538  -12.004 1.00 7.13  ? 22  PRO A C   1 
ATOM   140 O O   . PRO A 1 22 ? 7.861   -8.712  -12.765 1.00 7.15  ? 22  PRO A O   1 
ATOM   141 C CB  . PRO A 1 22 ? 6.900   -11.130 -10.702 1.00 8.81  ? 22  PRO A CB  1 
ATOM   142 C CG  . PRO A 1 22 ? 5.519   -10.659 -10.975 1.00 8.30  ? 22  PRO A CG  1 
ATOM   143 C CD  . PRO A 1 22 ? 5.377   -9.325  -10.294 1.00 8.45  ? 22  PRO A CD  1 
HETATM 144 N N   . HYP A 1 23 ? 9.491   -10.198 -12.319 1.00 7.16  ? 23  HYP A N   1 
HETATM 145 C CA  . HYP A 1 23 ? 10.158  -9.952  -13.600 1.00 7.50  ? 23  HYP A CA  1 
HETATM 146 C C   . HYP A 1 23 ? 9.225   -10.277 -14.757 1.00 7.59  ? 23  HYP A C   1 
HETATM 147 O O   . HYP A 1 23 ? 8.354   -11.146 -14.638 1.00 7.41  ? 23  HYP A O   1 
HETATM 148 C CB  . HYP A 1 23 ? 11.368  -10.888 -13.566 1.00 7.73  ? 23  HYP A CB  1 
HETATM 149 C CG  . HYP A 1 23 ? 11.576  -11.189 -12.120 1.00 7.51  ? 23  HYP A CG  1 
HETATM 150 C CD  . HYP A 1 23 ? 10.204  -11.204 -11.518 1.00 8.26  ? 23  HYP A CD  1 
HETATM 151 O OD1 . HYP A 1 23 ? 12.338  -10.148 -11.516 1.00 8.64  ? 23  HYP A OD1 1 
ATOM   152 N N   . GLY A 1 24 ? 9.412   -9.584  -15.875 1.00 7.38  ? 24  GLY A N   1 
ATOM   153 C CA  . GLY A 1 24 ? 8.577   -9.822  -17.034 1.00 5.44  ? 24  GLY A CA  1 
ATOM   154 C C   . GLY A 1 24 ? 8.917   -11.119 -17.739 1.00 6.13  ? 24  GLY A C   1 
ATOM   155 O O   . GLY A 1 24 ? 9.800   -11.861 -17.297 1.00 6.09  ? 24  GLY A O   1 
ATOM   156 N N   . PRO A 1 25 ? 8.244   -11.411 -18.861 1.00 6.30  ? 25  PRO A N   1 
ATOM   157 C CA  . PRO A 1 25 ? 8.472   -12.635 -19.635 1.00 6.01  ? 25  PRO A CA  1 
ATOM   158 C C   . PRO A 1 25 ? 9.801   -12.638 -20.373 1.00 5.39  ? 25  PRO A C   1 
ATOM   159 O O   . PRO A 1 25 ? 10.359  -11.579 -20.666 1.00 5.40  ? 25  PRO A O   1 
ATOM   160 C CB  . PRO A 1 25 ? 7.302   -12.673 -20.623 1.00 7.03  ? 25  PRO A CB  1 
ATOM   161 C CG  . PRO A 1 25 ? 6.386   -11.540 -20.236 1.00 7.37  ? 25  PRO A CG  1 
ATOM   162 C CD  . PRO A 1 25 ? 7.217   -10.558 -19.481 1.00 7.05  ? 25  PRO A CD  1 
HETATM 163 N N   . HYP A 1 26 ? 10.347  -13.830 -20.651 1.00 5.53  ? 26  HYP A N   1 
HETATM 164 C CA  . HYP A 1 26 ? 11.616  -13.867 -21.379 1.00 5.16  ? 26  HYP A CA  1 
HETATM 165 C C   . HYP A 1 26 ? 11.430  -13.174 -22.726 1.00 5.44  ? 26  HYP A C   1 
HETATM 166 O O   . HYP A 1 26 ? 10.318  -13.134 -23.262 1.00 6.20  ? 26  HYP A O   1 
HETATM 167 C CB  . HYP A 1 26 ? 11.883  -15.361 -21.559 1.00 5.19  ? 26  HYP A CB  1 
HETATM 168 C CG  . HYP A 1 26 ? 11.151  -15.999 -20.432 1.00 5.26  ? 26  HYP A CG  1 
HETATM 169 C CD  . HYP A 1 26 ? 9.892   -15.184 -20.286 1.00 6.00  ? 26  HYP A CD  1 
HETATM 170 O OD1 . HYP A 1 26 ? 11.934  -15.887 -19.246 1.00 6.64  ? 26  HYP A OD1 1 
ATOM   171 N N   . GLY A 1 27 ? 12.511  -12.632 -23.269 1.00 5.88  ? 27  GLY A N   1 
ATOM   172 C CA  . GLY A 1 27 ? 12.428  -11.976 -24.562 1.00 5.40  ? 27  GLY A CA  1 
ATOM   173 C C   . GLY A 1 27 ? 12.259  -13.012 -25.659 1.00 6.40  ? 27  GLY A C   1 
ATOM   174 O O   . GLY A 1 27 ? 12.293  -14.214 -25.388 1.00 6.96  ? 27  GLY A O   1 
ATOM   175 N N   . PRO A 1 28 ? 12.082  -12.583 -26.914 1.00 7.71  ? 28  PRO A N   1 
ATOM   176 C CA  . PRO A 1 28 ? 11.911  -13.533 -28.015 1.00 8.68  ? 28  PRO A CA  1 
ATOM   177 C C   . PRO A 1 28 ? 13.234  -14.148 -28.457 1.00 9.80  ? 28  PRO A C   1 
ATOM   178 O O   . PRO A 1 28 ? 14.306  -13.653 -28.102 1.00 9.43  ? 28  PRO A O   1 
ATOM   179 C CB  . PRO A 1 28 ? 11.287  -12.686 -29.115 1.00 9.36  ? 28  PRO A CB  1 
ATOM   180 C CG  . PRO A 1 28 ? 11.842  -11.323 -28.878 1.00 9.23  ? 28  PRO A CG  1 
ATOM   181 C CD  . PRO A 1 28 ? 12.032  -11.185 -27.380 1.00 8.67  ? 28  PRO A CD  1 
HETATM 182 N N   . HYP A 1 29 ? 13.176  -15.246 -29.231 1.00 11.93 ? 29  HYP A N   1 
HETATM 183 C CA  . HYP A 1 29 ? 14.403  -15.896 -29.707 1.00 12.90 ? 29  HYP A CA  1 
HETATM 184 C C   . HYP A 1 29 ? 15.219  -14.936 -30.564 1.00 13.99 ? 29  HYP A C   1 
HETATM 185 O O   . HYP A 1 29 ? 14.661  -14.047 -31.216 1.00 14.01 ? 29  HYP A O   1 
HETATM 186 C CB  . HYP A 1 29 ? 13.898  -17.082 -30.526 1.00 13.88 ? 29  HYP A CB  1 
HETATM 187 C CG  . HYP A 1 29 ? 12.500  -17.305 -30.078 1.00 13.88 ? 29  HYP A CG  1 
HETATM 188 C CD  . HYP A 1 29 ? 11.970  -15.955 -29.691 1.00 13.32 ? 29  HYP A CD  1 
HETATM 189 O OD1 . HYP A 1 29 ? 12.492  -18.169 -28.940 1.00 17.56 ? 29  HYP A OD1 1 
ATOM   190 N N   . GLY A 1 30 ? 16.536  -15.125 -30.568 1.00 15.00 ? 30  GLY A N   1 
ATOM   191 C CA  . GLY A 1 30 ? 17.411  -14.268 -31.348 1.00 17.10 ? 30  GLY A CA  1 
ATOM   192 C C   . GLY A 1 30 ? 17.251  -14.445 -32.846 1.00 18.81 ? 30  GLY A C   1 
ATOM   193 O O   . GLY A 1 30 ? 16.756  -15.511 -33.273 1.00 19.28 ? 30  GLY A O   1 
ATOM   194 O OXT . GLY A 1 30 ? 17.622  -13.516 -33.598 1.00 20.69 ? 30  GLY A OXT 1 
ATOM   195 N N   . PRO B 1 1  ? -17.771 19.222  32.971  1.00 18.44 ? 31  PRO B N   1 
ATOM   196 C CA  . PRO B 1 1  ? -16.404 18.944  32.473  1.00 17.59 ? 31  PRO B CA  1 
ATOM   197 C C   . PRO B 1 1  ? -16.487 17.990  31.291  1.00 15.84 ? 31  PRO B C   1 
ATOM   198 O O   . PRO B 1 1  ? -17.293 17.061  31.292  1.00 15.75 ? 31  PRO B O   1 
ATOM   199 C CB  . PRO B 1 1  ? -15.608 18.306  33.599  1.00 18.52 ? 31  PRO B CB  1 
ATOM   200 C CG  . PRO B 1 1  ? -16.693 17.821  34.549  1.00 19.11 ? 31  PRO B CG  1 
ATOM   201 C CD  . PRO B 1 1  ? -17.979 18.627  34.303  1.00 19.31 ? 31  PRO B CD  1 
HETATM 202 N N   . HYP B 1 2  ? -15.659 18.214  30.261  1.00 14.18 ? 32  HYP B N   1 
HETATM 203 C CA  . HYP B 1 2  ? -15.664 17.352  29.078  1.00 12.37 ? 32  HYP B CA  1 
HETATM 204 C C   . HYP B 1 2  ? -15.272 15.915  29.398  1.00 11.37 ? 32  HYP B C   1 
HETATM 205 O O   . HYP B 1 2  ? -14.545 15.659  30.361  1.00 10.77 ? 32  HYP B O   1 
HETATM 206 C CB  . HYP B 1 2  ? -14.655 18.023  28.145  1.00 12.48 ? 32  HYP B CB  1 
HETATM 207 C CG  . HYP B 1 2  ? -14.566 19.428  28.639  1.00 13.08 ? 32  HYP B CG  1 
HETATM 208 C CD  . HYP B 1 2  ? -14.679 19.301  30.121  1.00 13.75 ? 32  HYP B CD  1 
HETATM 209 O OD1 . HYP B 1 2  ? -15.674 20.180  28.147  1.00 14.75 ? 32  HYP B OD1 1 
ATOM   210 N N   . GLY B 1 3  ? -15.764 14.985  28.585  1.00 10.12 ? 33  GLY B N   1 
ATOM   211 C CA  . GLY B 1 3  ? -15.440 13.587  28.784  1.00 8.14  ? 33  GLY B CA  1 
ATOM   212 C C   . GLY B 1 3  ? -14.031 13.317  28.295  1.00 7.17  ? 33  GLY B C   1 
ATOM   213 O O   . GLY B 1 3  ? -13.362 14.229  27.801  1.00 6.33  ? 33  GLY B O   1 
ATOM   214 N N   . PRO B 1 4  ? -13.544 12.073  28.417  1.00 6.49  ? 34  PRO B N   1 
ATOM   215 C CA  . PRO B 1 4  ? -12.191 11.744  27.967  1.00 6.51  ? 34  PRO B CA  1 
ATOM   216 C C   . PRO B 1 4  ? -12.133 11.666  26.451  1.00 5.89  ? 34  PRO B C   1 
ATOM   217 O O   . PRO B 1 4  ? -13.171 11.600  25.791  1.00 6.65  ? 34  PRO B O   1 
ATOM   218 C CB  . PRO B 1 4  ? -11.928 10.389  28.614  1.00 6.80  ? 34  PRO B CB  1 
ATOM   219 C CG  . PRO B 1 4  ? -13.274 9.767   28.676  1.00 6.71  ? 34  PRO B CG  1 
ATOM   220 C CD  . PRO B 1 4  ? -14.230 10.897  28.984  1.00 6.01  ? 34  PRO B CD  1 
HETATM 221 N N   . HYP B 1 5  ? -10.921 11.699  25.878  1.00 5.64  ? 35  HYP B N   1 
HETATM 222 C CA  . HYP B 1 5  ? -10.786 11.622  24.424  1.00 4.79  ? 35  HYP B CA  1 
HETATM 223 C C   . HYP B 1 5  ? -11.395 10.332  23.889  1.00 4.06  ? 35  HYP B C   1 
HETATM 224 O O   . HYP B 1 5  ? -11.492 9.328   24.607  1.00 4.55  ? 35  HYP B O   1 
HETATM 225 C CB  . HYP B 1 5  ? -9.277  11.655  24.196  1.00 5.61  ? 35  HYP B CB  1 
HETATM 226 C CG  . HYP B 1 5  ? -8.725  12.304  25.426  1.00 6.19  ? 35  HYP B CG  1 
HETATM 227 C CD  . HYP B 1 5  ? -9.610  11.833  26.538  1.00 6.43  ? 35  HYP B CD  1 
HETATM 228 O OD1 . HYP B 1 5  ? -8.829  13.721  25.301  1.00 7.56  ? 35  HYP B OD1 1 
ATOM   229 N N   . GLY B 1 6  ? -11.796 10.363  22.624  1.00 3.67  ? 36  GLY B N   1 
ATOM   230 C CA  . GLY B 1 6  ? -12.371 9.189   22.002  1.00 4.00  ? 36  GLY B CA  1 
ATOM   231 C C   . GLY B 1 6  ? -11.295 8.179   21.660  1.00 5.21  ? 36  GLY B C   1 
ATOM   232 O O   . GLY B 1 6  ? -10.106 8.449   21.825  1.00 5.65  ? 36  GLY B O   1 
ATOM   233 N N   . PRO B 1 7  ? -11.685 6.994   21.175  1.00 5.58  ? 37  PRO B N   1 
ATOM   234 C CA  . PRO B 1 7  ? -10.732 5.941   20.812  1.00 5.16  ? 37  PRO B CA  1 
ATOM   235 C C   . PRO B 1 7  ? -9.995  6.269   19.522  1.00 4.99  ? 37  PRO B C   1 
ATOM   236 O O   . PRO B 1 7  ? -10.450 7.103   18.742  1.00 4.41  ? 37  PRO B O   1 
ATOM   237 C CB  . PRO B 1 7  ? -11.606 4.695   20.648  1.00 7.11  ? 37  PRO B CB  1 
ATOM   238 C CG  . PRO B 1 7  ? -13.008 5.105   21.057  1.00 6.97  ? 37  PRO B CG  1 
ATOM   239 C CD  . PRO B 1 7  ? -13.077 6.587   20.934  1.00 5.96  ? 37  PRO B CD  1 
HETATM 240 N N   . HYP B 1 8  ? -8.835  5.626   19.289  1.00 5.50  ? 38  HYP B N   1 
HETATM 241 C CA  . HYP B 1 8  ? -8.086  5.889   18.058  1.00 5.89  ? 38  HYP B CA  1 
HETATM 242 C C   . HYP B 1 8  ? -8.972  5.565   16.864  1.00 6.57  ? 38  HYP B C   1 
HETATM 243 O O   . HYP B 1 8  ? -9.822  4.673   16.946  1.00 6.53  ? 38  HYP B O   1 
HETATM 244 C CB  . HYP B 1 8  ? -6.893  4.934   18.140  1.00 6.38  ? 38  HYP B CB  1 
HETATM 245 C CG  . HYP B 1 8  ? -6.756  4.609   19.577  1.00 6.53  ? 38  HYP B CG  1 
HETATM 246 C CD  . HYP B 1 8  ? -8.148  4.651   20.152  1.00 7.00  ? 38  HYP B CD  1 
HETATM 247 O OD1 . HYP B 1 8  ? -5.941  5.594   20.218  1.00 8.98  ? 38  HYP B OD1 1 
ATOM   248 N N   . GLY B 1 9  ? -8.770  6.274   15.758  1.00 7.42  ? 39  GLY B N   1 
ATOM   249 C CA  . GLY B 1 9  ? -9.574  6.027   14.576  1.00 7.43  ? 39  GLY B CA  1 
ATOM   250 C C   . GLY B 1 9  ? -9.277  4.687   13.928  1.00 8.34  ? 39  GLY B C   1 
ATOM   251 O O   . GLY B 1 9  ? -8.372  3.969   14.360  1.00 8.28  ? 39  GLY B O   1 
ATOM   252 N N   . PRO B 1 10 ? -10.028 4.320   12.880  1.00 8.57  ? 40  PRO B N   1 
ATOM   253 C CA  . PRO B 1 10 ? -9.826  3.048   12.181  1.00 8.25  ? 40  PRO B CA  1 
ATOM   254 C C   . PRO B 1 10 ? -8.557  3.080   11.339  1.00 7.22  ? 40  PRO B C   1 
ATOM   255 O O   . PRO B 1 10 ? -8.018  4.148   11.062  1.00 6.44  ? 40  PRO B O   1 
ATOM   256 C CB  . PRO B 1 10 ? -11.077 2.916   11.320  1.00 9.06  ? 40  PRO B CB  1 
ATOM   257 C CG  . PRO B 1 10 ? -11.477 4.318   11.050  1.00 9.90  ? 40  PRO B CG  1 
ATOM   258 C CD  . PRO B 1 10 ? -11.131 5.100   12.290  1.00 9.15  ? 40  PRO B CD  1 
HETATM 259 N N   . HYP B 1 11 ? -8.051  1.903   10.943  1.00 6.97  ? 41  HYP B N   1 
HETATM 260 C CA  . HYP B 1 11 ? -6.835  1.848   10.125  1.00 7.42  ? 41  HYP B CA  1 
HETATM 261 C C   . HYP B 1 11 ? -7.031  2.527   8.775   1.00 7.77  ? 41  HYP B C   1 
HETATM 262 O O   . HYP B 1 11 ? -8.145  2.565   8.246   1.00 7.77  ? 41  HYP B O   1 
HETATM 263 C CB  . HYP B 1 11 ? -6.571  0.352   9.963   1.00 7.53  ? 41  HYP B CB  1 
HETATM 264 C CG  . HYP B 1 11 ? -7.341  -0.296  11.072  1.00 8.38  ? 41  HYP B CG  1 
HETATM 265 C CD  . HYP B 1 11 ? -8.555  0.557   11.258  1.00 7.73  ? 41  HYP B CD  1 
HETATM 266 O OD1 . HYP B 1 11 ? -6.557  -0.283  12.270  1.00 8.95  ? 41  HYP B OD1 1 
ATOM   267 N N   . GLY B 1 12 ? -5.946  3.063   8.226   1.00 8.31  ? 42  GLY B N   1 
ATOM   268 C CA  . GLY B 1 12 ? -6.020  3.715   6.933   1.00 9.69  ? 42  GLY B CA  1 
ATOM   269 C C   . GLY B 1 12 ? -6.266  2.685   5.845   1.00 10.70 ? 42  GLY B C   1 
ATOM   270 O O   . GLY B 1 12 ? -6.220  1.477   6.103   1.00 10.96 ? 42  GLY B O   1 
ATOM   271 N N   . GLU B 1 13 ? -6.532  3.150   4.628   1.00 11.78 ? 43  GLU B N   1 
ATOM   272 C CA  . GLU B 1 13 ? -6.788  2.238   3.523   1.00 12.49 ? 43  GLU B CA  1 
ATOM   273 C C   . GLU B 1 13 ? -5.492  1.607   3.041   1.00 12.36 ? 43  GLU B C   1 
ATOM   274 O O   . GLU B 1 13 ? -4.407  2.143   3.264   1.00 11.42 ? 43  GLU B O   1 
ATOM   275 C CB  . GLU B 1 13 ? -7.472  2.977   2.367   1.00 14.79 ? 43  GLU B CB  1 
ATOM   276 C CG  . GLU B 1 13 ? -6.839  4.306   2.000   0.54 16.02 ? 43  GLU B CG  1 
ATOM   277 C CD  . GLU B 1 13 ? -7.422  4.892   0.724   0.54 17.80 ? 43  GLU B CD  1 
ATOM   278 O OE1 . GLU B 1 13 ? -6.939  5.954   0.278   0.54 18.41 ? 43  GLU B OE1 1 
ATOM   279 O OE2 . GLU B 1 13 ? -8.364  4.289   0.169   0.54 18.59 ? 43  GLU B OE2 1 
ATOM   280 N N   . LYS B 1 14 ? -5.608  0.456   2.389   1.00 13.26 ? 44  LYS B N   1 
ATOM   281 C CA  . LYS B 1 14 ? -4.440  -0.238  1.874   1.00 13.49 ? 44  LYS B CA  1 
ATOM   282 C C   . LYS B 1 14 ? -3.735  0.676   0.874   1.00 13.76 ? 44  LYS B C   1 
ATOM   283 O O   . LYS B 1 14 ? -4.381  1.473   0.187   1.00 13.29 ? 44  LYS B O   1 
ATOM   284 C CB  . LYS B 1 14 ? -4.867  -1.541  1.199   1.00 15.43 ? 44  LYS B CB  1 
ATOM   285 C CG  . LYS B 1 14 ? -3.730  -2.517  0.957   1.00 17.66 ? 44  LYS B CG  1 
ATOM   286 C CD  . LYS B 1 14 ? -4.252  -3.850  0.443   1.00 20.24 ? 44  LYS B CD  1 
ATOM   287 C CE  . LYS B 1 14 ? -3.114  -4.760  0.018   1.00 21.06 ? 44  LYS B CE  1 
ATOM   288 N NZ  . LYS B 1 14 ? -2.209  -5.085  1.158   1.00 22.61 ? 44  LYS B NZ  1 
ATOM   289 N N   . GLY B 1 15 ? -2.412  0.569   0.802   1.00 12.90 ? 45  GLY B N   1 
ATOM   290 C CA  . GLY B 1 15 ? -1.653  1.404   -0.110  1.00 13.04 ? 45  GLY B CA  1 
ATOM   291 C C   . GLY B 1 15 ? -1.817  1.024   -1.572  1.00 12.82 ? 45  GLY B C   1 
ATOM   292 O O   . GLY B 1 15 ? -2.373  -0.034  -1.880  1.00 13.54 ? 45  GLY B O   1 
ATOM   293 N N   . PRO B 1 16 ? -1.346  1.872   -2.500  1.00 12.12 ? 46  PRO B N   1 
ATOM   294 C CA  . PRO B 1 16 ? -1.461  1.583   -3.932  1.00 12.67 ? 46  PRO B CA  1 
ATOM   295 C C   . PRO B 1 16 ? -0.517  0.462   -4.359  1.00 12.19 ? 46  PRO B C   1 
ATOM   296 O O   . PRO B 1 16 ? 0.386   0.079   -3.616  1.00 11.43 ? 46  PRO B O   1 
ATOM   297 C CB  . PRO B 1 16 ? -1.107  2.912   -4.593  1.00 13.48 ? 46  PRO B CB  1 
ATOM   298 C CG  . PRO B 1 16 ? -0.191  3.564   -3.624  1.00 13.27 ? 46  PRO B CG  1 
ATOM   299 C CD  . PRO B 1 16 ? -0.674  3.162   -2.255  1.00 12.85 ? 46  PRO B CD  1 
HETATM 300 N N   . HYP B 1 17 ? -0.716  -0.081  -5.566  1.00 12.52 ? 47  HYP B N   1 
HETATM 301 C CA  . HYP B 1 17 ? 0.165   -1.158  -6.022  1.00 12.22 ? 47  HYP B CA  1 
HETATM 302 C C   . HYP B 1 17 ? 1.580   -0.645  -6.240  1.00 11.13 ? 47  HYP B C   1 
HETATM 303 O O   . HYP B 1 17 ? 1.790   0.547   -6.480  1.00 10.35 ? 47  HYP B O   1 
HETATM 304 C CB  . HYP B 1 17 ? -0.478  -1.627  -7.329  1.00 13.08 ? 47  HYP B CB  1 
HETATM 305 C CG  . HYP B 1 17 ? -1.855  -1.028  -7.333  1.00 13.90 ? 47  HYP B CG  1 
HETATM 306 C CD  . HYP B 1 17 ? -1.739  0.247   -6.569  1.00 13.40 ? 47  HYP B CD  1 
HETATM 307 O OD1 . HYP B 1 17 ? -2.760  -1.901  -6.661  1.00 15.34 ? 47  HYP B OD1 1 
ATOM   308 N N   . GLY B 1 18 ? 2.547   -1.549  -6.155  1.00 10.72 ? 48  GLY B N   1 
ATOM   309 C CA  . GLY B 1 18 ? 3.930   -1.165  -6.357  1.00 9.37  ? 48  GLY B CA  1 
ATOM   310 C C   . GLY B 1 18 ? 4.243   -0.939  -7.825  1.00 9.23  ? 48  GLY B C   1 
ATOM   311 O O   . GLY B 1 18 ? 3.373   -1.097  -8.689  1.00 8.68  ? 48  GLY B O   1 
ATOM   312 N N   . PRO B 1 19 ? 5.484   -0.552  -8.142  1.00 8.81  ? 49  PRO B N   1 
ATOM   313 C CA  . PRO B 1 19 ? 5.860   -0.313  -9.536  1.00 7.84  ? 49  PRO B CA  1 
ATOM   314 C C   . PRO B 1 19 ? 6.006   -1.608  -10.315 1.00 7.02  ? 49  PRO B C   1 
ATOM   315 O O   . PRO B 1 19 ? 6.077   -2.689  -9.731  1.00 5.05  ? 49  PRO B O   1 
ATOM   316 C CB  . PRO B 1 19 ? 7.182   0.438   -9.428  1.00 9.11  ? 49  PRO B CB  1 
ATOM   317 C CG  . PRO B 1 19 ? 7.750   0.017   -8.120  1.00 9.43  ? 49  PRO B CG  1 
ATOM   318 C CD  . PRO B 1 19 ? 6.597   -0.299  -7.211  1.00 8.64  ? 49  PRO B CD  1 
HETATM 319 N N   . HYP B 1 20 ? 6.033   -1.515  -11.652 1.00 7.26  ? 50  HYP B N   1 
HETATM 320 C CA  . HYP B 1 20 ? 6.181   -2.712  -12.481 1.00 7.39  ? 50  HYP B CA  1 
HETATM 321 C C   . HYP B 1 20 ? 7.492   -3.401  -12.147 1.00 7.34  ? 50  HYP B C   1 
HETATM 322 O O   . HYP B 1 20 ? 8.432   -2.762  -11.664 1.00 6.18  ? 50  HYP B O   1 
HETATM 323 C CB  . HYP B 1 20 ? 6.205   -2.169  -13.909 1.00 8.72  ? 50  HYP B CB  1 
HETATM 324 C CG  . HYP B 1 20 ? 5.551   -0.841  -13.826 1.00 8.93  ? 50  HYP B CG  1 
HETATM 325 C CD  . HYP B 1 20 ? 5.914   -0.297  -12.471 1.00 8.76  ? 50  HYP B CD  1 
HETATM 326 O OD1 . HYP B 1 20 ? 4.141   -1.008  -13.916 1.00 10.32 ? 50  HYP B OD1 1 
ATOM   327 N N   . GLY B 1 21 ? 7.559   -4.699  -12.411 1.00 6.62  ? 51  GLY B N   1 
ATOM   328 C CA  . GLY B 1 21 ? 8.786   -5.423  -12.149 1.00 6.89  ? 51  GLY B CA  1 
ATOM   329 C C   . GLY B 1 21 ? 9.789   -5.109  -13.241 1.00 7.60  ? 51  GLY B C   1 
ATOM   330 O O   . GLY B 1 21 ? 9.470   -4.388  -14.193 1.00 7.74  ? 51  GLY B O   1 
ATOM   331 N N   . PRO B 1 22 ? 11.015  -5.636  -13.140 1.00 8.29  ? 52  PRO B N   1 
ATOM   332 C CA  . PRO B 1 22 ? 12.030  -5.370  -14.163 1.00 8.12  ? 52  PRO B CA  1 
ATOM   333 C C   . PRO B 1 22 ? 11.776  -6.186  -15.428 1.00 7.94  ? 52  PRO B C   1 
ATOM   334 O O   . PRO B 1 22 ? 10.975  -7.125  -15.420 1.00 6.20  ? 52  PRO B O   1 
ATOM   335 C CB  . PRO B 1 22 ? 13.331  -5.773  -13.482 1.00 9.39  ? 52  PRO B CB  1 
ATOM   336 C CG  . PRO B 1 22 ? 12.918  -6.860  -12.528 1.00 8.95  ? 52  PRO B CG  1 
ATOM   337 C CD  . PRO B 1 22 ? 11.524  -6.507  -12.063 1.00 9.38  ? 52  PRO B CD  1 
HETATM 338 N N   . HYP B 1 23 ? 12.429  -5.815  -16.540 1.00 8.11  ? 53  HYP B N   1 
HETATM 339 C CA  . HYP B 1 23 ? 12.244  -6.561  -17.787 1.00 7.01  ? 53  HYP B CA  1 
HETATM 340 C C   . HYP B 1 23 ? 12.624  -8.016  -17.556 1.00 7.41  ? 53  HYP B C   1 
HETATM 341 O O   . HYP B 1 23 ? 13.430  -8.317  -16.670 1.00 7.99  ? 53  HYP B O   1 
HETATM 342 C CB  . HYP B 1 23 ? 13.207  -5.885  -18.763 1.00 7.44  ? 53  HYP B CB  1 
HETATM 343 C CG  . HYP B 1 23 ? 13.398  -4.531  -18.222 1.00 7.64  ? 53  HYP B CG  1 
HETATM 344 C CD  . HYP B 1 23 ? 13.349  -4.678  -16.723 1.00 8.12  ? 53  HYP B CD  1 
HETATM 345 O OD1 . HYP B 1 23 ? 12.330  -3.693  -18.663 1.00 8.92  ? 53  HYP B OD1 1 
ATOM   346 N N   . GLY B 1 24 ? 12.051  -8.913  -18.351 1.00 6.84  ? 54  GLY B N   1 
ATOM   347 C CA  . GLY B 1 24 ? 12.361  -10.323 -18.211 1.00 6.77  ? 54  GLY B CA  1 
ATOM   348 C C   . GLY B 1 24 ? 13.753  -10.645 -18.719 1.00 6.64  ? 54  GLY B C   1 
ATOM   349 O O   . GLY B 1 24 ? 14.460  -9.762  -19.213 1.00 5.58  ? 54  GLY B O   1 
ATOM   350 N N   . PRO B 1 25 ? 14.185  -11.905 -18.604 1.00 6.74  ? 55  PRO B N   1 
ATOM   351 C CA  . PRO B 1 25 ? 15.518  -12.289 -19.074 1.00 6.81  ? 55  PRO B CA  1 
ATOM   352 C C   . PRO B 1 25 ? 15.588  -12.346 -20.593 1.00 7.07  ? 55  PRO B C   1 
ATOM   353 O O   . PRO B 1 25 ? 14.559  -12.359 -21.270 1.00 6.90  ? 55  PRO B O   1 
ATOM   354 C CB  . PRO B 1 25 ? 15.729  -13.663 -18.452 1.00 8.06  ? 55  PRO B CB  1 
ATOM   355 C CG  . PRO B 1 25 ? 14.363  -14.215 -18.341 1.00 7.31  ? 55  PRO B CG  1 
ATOM   356 C CD  . PRO B 1 25 ? 13.461  -13.050 -18.022 1.00 6.68  ? 55  PRO B CD  1 
HETATM 357 N N   . HYP B 1 26 ? 16.809  -12.359 -21.150 1.00 7.69  ? 56  HYP B N   1 
HETATM 358 C CA  . HYP B 1 26 ? 16.984  -12.423 -22.604 1.00 7.31  ? 56  HYP B CA  1 
HETATM 359 C C   . HYP B 1 26 ? 16.332  -13.675 -23.176 1.00 7.69  ? 56  HYP B C   1 
HETATM 360 O O   . HYP B 1 26 ? 16.265  -14.713 -22.513 1.00 8.15  ? 56  HYP B O   1 
HETATM 361 C CB  . HYP B 1 26 ? 18.500  -12.460 -22.785 1.00 7.48  ? 56  HYP B CB  1 
HETATM 362 C CG  . HYP B 1 26 ? 19.048  -11.869 -21.542 1.00 8.00  ? 56  HYP B CG  1 
HETATM 363 C CD  . HYP B 1 26 ? 18.102  -12.279 -20.449 1.00 8.48  ? 56  HYP B CD  1 
HETATM 364 O OD1 . HYP B 1 26 ? 19.062  -10.448 -21.657 1.00 8.88  ? 56  HYP B OD1 1 
ATOM   365 N N   . GLY B 1 27 ? 15.858  -13.580 -24.411 1.00 7.61  ? 57  GLY B N   1 
ATOM   366 C CA  . GLY B 1 27 ? 15.245  -14.734 -25.033 1.00 9.06  ? 57  GLY B CA  1 
ATOM   367 C C   . GLY B 1 27 ? 16.311  -15.768 -25.331 1.00 11.06 ? 57  GLY B C   1 
ATOM   368 O O   . GLY B 1 27 ? 17.504  -15.487 -25.198 1.00 10.89 ? 57  GLY B O   1 
ATOM   369 N N   . PRO B 1 28 ? 15.919  -16.980 -25.736 1.00 12.53 ? 58  PRO B N   1 
ATOM   370 C CA  . PRO B 1 28 ? 16.911  -18.017 -26.039 1.00 13.93 ? 58  PRO B CA  1 
ATOM   371 C C   . PRO B 1 28 ? 17.729  -17.690 -27.285 1.00 14.83 ? 58  PRO B C   1 
ATOM   372 O O   . PRO B 1 28 ? 17.331  -16.862 -28.104 1.00 14.30 ? 58  PRO B O   1 
ATOM   373 C CB  . PRO B 1 28 ? 16.068  -19.272 -26.231 1.00 14.43 ? 58  PRO B CB  1 
ATOM   374 C CG  . PRO B 1 28 ? 14.740  -18.754 -26.673 1.00 13.86 ? 58  PRO B CG  1 
ATOM   375 C CD  . PRO B 1 28 ? 14.541  -17.459 -25.934 1.00 13.18 ? 58  PRO B CD  1 
HETATM 376 N N   . HYP B 1 29 ? 18.898  -18.331 -27.439 1.00 16.46 ? 59  HYP B N   1 
HETATM 377 C CA  . HYP B 1 29 ? 19.743  -18.081 -28.612 1.00 17.43 ? 59  HYP B CA  1 
HETATM 378 C C   . HYP B 1 29 ? 18.983  -18.422 -29.893 1.00 18.76 ? 59  HYP B C   1 
HETATM 379 O O   . HYP B 1 29 ? 18.262  -19.422 -29.949 1.00 18.37 ? 59  HYP B O   1 
HETATM 380 C CB  . HYP B 1 29 ? 20.948  -18.999 -28.392 1.00 17.32 ? 59  HYP B CB  1 
HETATM 381 C CG  . HYP B 1 29 ? 20.950  -19.279 -26.912 1.00 17.48 ? 59  HYP B CG  1 
HETATM 382 C CD  . HYP B 1 29 ? 19.505  -19.309 -26.519 1.00 16.89 ? 59  HYP B CD  1 
HETATM 383 O OD1 . HYP B 1 29 ? 21.608  -18.219 -26.213 1.00 17.45 ? 59  HYP B OD1 1 
ATOM   384 N N   . GLY B 1 30 ? 19.146  -17.590 -30.918 1.00 20.19 ? 60  GLY B N   1 
ATOM   385 C CA  . GLY B 1 30 ? 18.456  -17.819 -32.177 1.00 22.55 ? 60  GLY B CA  1 
ATOM   386 C C   . GLY B 1 30 ? 18.912  -19.061 -32.921 1.00 24.04 ? 60  GLY B C   1 
ATOM   387 O O   . GLY B 1 30 ? 18.095  -19.632 -33.677 1.00 24.49 ? 60  GLY B O   1 
ATOM   388 O OXT . GLY B 1 30 ? 20.083  -19.468 -32.756 1.00 25.07 ? 60  GLY B OXT 1 
ATOM   389 N N   . PRO C 1 1  ? -20.154 17.667  28.756  1.00 8.94  ? 61  PRO C N   1 
ATOM   390 C CA  . PRO C 1 1  ? -20.053 17.730  27.278  1.00 8.20  ? 61  PRO C CA  1 
ATOM   391 C C   . PRO C 1 1  ? -19.132 16.635  26.750  1.00 7.58  ? 61  PRO C C   1 
ATOM   392 O O   . PRO C 1 1  ? -18.292 16.110  27.485  1.00 6.86  ? 61  PRO C O   1 
ATOM   393 C CB  . PRO C 1 1  ? -19.515 19.100  26.889  1.00 9.80  ? 61  PRO C CB  1 
ATOM   394 C CG  . PRO C 1 1  ? -19.490 19.863  28.210  1.00 10.38 ? 61  PRO C CG  1 
ATOM   395 C CD  . PRO C 1 1  ? -19.607 18.885  29.378  1.00 9.74  ? 61  PRO C CD  1 
HETATM 396 N N   . HYP C 1 2  ? -19.284 16.270  25.466  1.00 7.73  ? 62  HYP C N   1 
HETATM 397 C CA  . HYP C 1 2  ? -18.442 15.227  24.875  1.00 7.65  ? 62  HYP C CA  1 
HETATM 398 C C   . HYP C 1 2  ? -16.958 15.562  24.917  1.00 7.43  ? 62  HYP C C   1 
HETATM 399 O O   . HYP C 1 2  ? -16.571 16.732  24.852  1.00 7.51  ? 62  HYP C O   1 
HETATM 400 C CB  . HYP C 1 2  ? -18.940 15.128  23.432  1.00 7.99  ? 62  HYP C CB  1 
HETATM 401 C CG  . HYP C 1 2  ? -20.301 15.717  23.456  1.00 8.14  ? 62  HYP C CG  1 
HETATM 402 C CD  . HYP C 1 2  ? -20.256 16.796  24.494  1.00 7.16  ? 62  HYP C CD  1 
HETATM 403 O OD1 . HYP C 1 2  ? -21.241 14.719  23.846  1.00 8.34  ? 62  HYP C OD1 1 
ATOM   404 N N   . GLY C 1 3  ? -16.134 14.525  25.019  1.00 7.08  ? 63  GLY C N   1 
ATOM   405 C CA  . GLY C 1 3  ? -14.698 14.723  25.027  1.00 6.11  ? 63  GLY C CA  1 
ATOM   406 C C   . GLY C 1 3  ? -14.227 14.942  23.601  1.00 5.98  ? 63  GLY C C   1 
ATOM   407 O O   . GLY C 1 3  ? -15.016 14.829  22.657  1.00 5.62  ? 63  GLY C O   1 
ATOM   408 N N   . PRO C 1 4  ? -12.946 15.269  23.403  1.00 6.26  ? 64  PRO C N   1 
ATOM   409 C CA  . PRO C 1 4  ? -12.440 15.490  22.045  1.00 6.16  ? 64  PRO C CA  1 
ATOM   410 C C   . PRO C 1 4  ? -12.289 14.199  21.250  1.00 5.43  ? 64  PRO C C   1 
ATOM   411 O O   . PRO C 1 4  ? -12.264 13.105  21.823  1.00 3.98  ? 64  PRO C O   1 
ATOM   412 C CB  . PRO C 1 4  ? -11.101 16.177  22.270  1.00 6.84  ? 64  PRO C CB  1 
ATOM   413 C CG  . PRO C 1 4  ? -10.672 15.743  23.614  1.00 6.44  ? 64  PRO C CG  1 
ATOM   414 C CD  . PRO C 1 4  ? -11.903 15.461  24.426  1.00 6.24  ? 64  PRO C CD  1 
HETATM 415 N N   . HYP C 1 5  ? -12.198 14.308  19.913  1.00 6.17  ? 65  HYP C N   1 
HETATM 416 C CA  . HYP C 1 5  ? -12.041 13.121  19.070  1.00 6.11  ? 65  HYP C CA  1 
HETATM 417 C C   . HYP C 1 5  ? -10.761 12.392  19.426  1.00 6.10  ? 65  HYP C C   1 
HETATM 418 O O   . HYP C 1 5  ? -9.794  13.009  19.873  1.00 5.86  ? 65  HYP C O   1 
HETATM 419 C CB  . HYP C 1 5  ? -11.947 13.684  17.652  1.00 7.65  ? 65  HYP C CB  1 
HETATM 420 C CG  . HYP C 1 5  ? -12.538 15.015  17.725  1.00 7.80  ? 65  HYP C CG  1 
HETATM 421 C CD  . HYP C 1 5  ? -12.246 15.537  19.106  1.00 7.67  ? 65  HYP C CD  1 
HETATM 422 O OD1 . HYP C 1 5  ? -13.944 14.905  17.536  1.00 9.82  ? 65  HYP C OD1 1 
ATOM   423 N N   . GLY C 1 6  ? -10.748 11.082  19.209  1.00 6.05  ? 66  GLY C N   1 
ATOM   424 C CA  . GLY C 1 6  ? -9.548  10.320  19.489  1.00 6.30  ? 66  GLY C CA  1 
ATOM   425 C C   . GLY C 1 6  ? -8.514  10.630  18.422  1.00 7.27  ? 66  GLY C C   1 
ATOM   426 O O   . GLY C 1 6  ? -8.801  11.363  17.468  1.00 6.39  ? 66  GLY C O   1 
ATOM   427 N N   . PRO C 1 7  ? -7.292  10.100  18.553  1.00 7.65  ? 67  PRO C N   1 
ATOM   428 C CA  . PRO C 1 7  ? -6.258  10.364  17.548  1.00 8.19  ? 67  PRO C CA  1 
ATOM   429 C C   . PRO C 1 7  ? -6.505  9.558   16.274  1.00 7.98  ? 67  PRO C C   1 
ATOM   430 O O   . PRO C 1 7  ? -7.318  8.632   16.268  1.00 7.27  ? 67  PRO C O   1 
ATOM   431 C CB  . PRO C 1 7  ? -4.976  9.938   18.246  1.00 9.68  ? 67  PRO C CB  1 
ATOM   432 C CG  . PRO C 1 7  ? -5.413  8.856   19.175  1.00 7.12  ? 67  PRO C CG  1 
ATOM   433 C CD  . PRO C 1 7  ? -6.796  9.239   19.643  1.00 8.15  ? 67  PRO C CD  1 
HETATM 434 N N   . HYP C 1 8  ? -5.829  9.921   15.170  1.00 9.21  ? 68  HYP C N   1 
HETATM 435 C CA  . HYP C 1 8  ? -5.991  9.203   13.902  1.00 7.81  ? 68  HYP C CA  1 
HETATM 436 C C   . HYP C 1 8  ? -5.660  7.728   14.079  1.00 8.16  ? 68  HYP C C   1 
HETATM 437 O O   . HYP C 1 8  ? -4.879  7.366   14.958  1.00 9.05  ? 68  HYP C O   1 
HETATM 438 C CB  . HYP C 1 8  ? -4.990  9.880   12.969  1.00 9.02  ? 68  HYP C CB  1 
HETATM 439 C CG  . HYP C 1 8  ? -4.791  11.210  13.533  1.00 9.26  ? 68  HYP C CG  1 
HETATM 440 C CD  . HYP C 1 8  ? -4.893  11.047  15.030  1.00 8.72  ? 68  HYP C CD  1 
HETATM 441 O OD1 . HYP C 1 8  ? -5.820  12.087  13.064  1.00 10.71 ? 68  HYP C OD1 1 
ATOM   442 N N   . GLY C 1 9  ? -6.248  6.887   13.238  1.00 6.87  ? 69  GLY C N   1 
ATOM   443 C CA  . GLY C 1 9  ? -5.984  5.463   13.317  1.00 7.47  ? 69  GLY C CA  1 
ATOM   444 C C   . GLY C 1 9  ? -4.612  5.121   12.766  1.00 7.85  ? 69  GLY C C   1 
ATOM   445 O O   . GLY C 1 9  ? -3.903  6.000   12.271  1.00 7.26  ? 69  GLY C O   1 
ATOM   446 N N   . PRO C 1 10 ? -4.201  3.848   12.847  1.00 8.05  ? 70  PRO C N   1 
ATOM   447 C CA  . PRO C 1 10 ? -2.890  3.440   12.335  1.00 8.45  ? 70  PRO C CA  1 
ATOM   448 C C   . PRO C 1 10 ? -2.837  3.474   10.811  1.00 8.90  ? 70  PRO C C   1 
ATOM   449 O O   . PRO C 1 10 ? -3.871  3.450   10.149  1.00 8.43  ? 70  PRO C O   1 
ATOM   450 C CB  . PRO C 1 10 ? -2.713  2.026   12.883  1.00 8.73  ? 70  PRO C CB  1 
ATOM   451 C CG  . PRO C 1 10 ? -4.091  1.532   13.116  1.00 9.51  ? 70  PRO C CG  1 
ATOM   452 C CD  . PRO C 1 10 ? -4.947  2.722   13.438  1.00 8.58  ? 70  PRO C CD  1 
HETATM 453 N N   . HYP C 1 11 ? -1.626  3.553   10.236  1.00 10.31 ? 71  HYP C N   1 
HETATM 454 C CA  . HYP C 1 11 ? -1.509  3.583   8.773   1.00 10.38 ? 71  HYP C CA  1 
HETATM 455 C C   . HYP C 1 11 ? -2.061  2.307   8.158   1.00 10.47 ? 71  HYP C C   1 
HETATM 456 O O   . HYP C 1 11 ? -2.103  1.261   8.808   1.00 10.69 ? 71  HYP C O   1 
HETATM 457 C CB  . HYP C 1 11 ? -0.005  3.724   8.527   1.00 11.12 ? 71  HYP C CB  1 
HETATM 458 C CG  . HYP C 1 11 ? 0.557   4.233   9.812   1.00 11.19 ? 71  HYP C CG  1 
HETATM 459 C CD  . HYP C 1 11 ? -0.311  3.646   10.892  1.00 10.98 ? 71  HYP C CD  1 
HETATM 460 O OD1 . HYP C 1 11 ? 0.468   5.659   9.845   1.00 12.92 ? 71  HYP C OD1 1 
ATOM   461 N N   . GLY C 1 12 ? -2.485  2.394   6.903   1.00 10.73 ? 72  GLY C N   1 
ATOM   462 C CA  . GLY C 1 12 ? -3.012  1.223   6.232   1.00 11.20 ? 72  GLY C CA  1 
ATOM   463 C C   . GLY C 1 12 ? -1.896  0.262   5.869   1.00 12.03 ? 72  GLY C C   1 
ATOM   464 O O   . GLY C 1 12 ? -0.719  0.606   5.960   1.00 12.45 ? 72  GLY C O   1 
ATOM   465 N N   . GLU C 1 13 ? -2.267  -0.946  5.459   1.00 12.69 ? 73  GLU C N   1 
ATOM   466 C CA  . GLU C 1 13 ? -1.288  -1.960  5.080   1.00 12.47 ? 73  GLU C CA  1 
ATOM   467 C C   . GLU C 1 13 ? -0.628  -1.595  3.755   1.00 12.60 ? 73  GLU C C   1 
ATOM   468 O O   . GLU C 1 13 ? -1.215  -0.883  2.938   1.00 11.93 ? 73  GLU C O   1 
ATOM   469 C CB  . GLU C 1 13 ? -1.969  -3.315  4.969   1.00 13.32 ? 73  GLU C CB  1 
ATOM   470 N N   . LYS C 1 14 ? 0.598   -2.075  3.552   1.00 13.12 ? 74  LYS C N   1 
ATOM   471 C CA  . LYS C 1 14 ? 1.331   -1.814  2.318   1.00 13.06 ? 74  LYS C CA  1 
ATOM   472 C C   . LYS C 1 14 ? 0.495   -2.327  1.154   1.00 13.62 ? 74  LYS C C   1 
ATOM   473 O O   . LYS C 1 14 ? -0.187  -3.349  1.272   1.00 14.13 ? 74  LYS C O   1 
ATOM   474 C CB  . LYS C 1 14 ? 2.686   -2.523  2.347   1.00 13.27 ? 74  LYS C CB  1 
ATOM   475 N N   . GLY C 1 15 ? 0.548   -1.619  0.031   1.00 13.83 ? 75  GLY C N   1 
ATOM   476 C CA  . GLY C 1 15 ? -0.222  -2.021  -1.133  1.00 12.96 ? 75  GLY C CA  1 
ATOM   477 C C   . GLY C 1 15 ? 0.185   -3.361  -1.720  1.00 13.17 ? 75  GLY C C   1 
ATOM   478 O O   . GLY C 1 15 ? 1.152   -3.980  -1.268  1.00 12.40 ? 75  GLY C O   1 
ATOM   479 N N   . PRO C 1 16 ? -0.547  -3.840  -2.739  1.00 13.31 ? 76  PRO C N   1 
ATOM   480 C CA  . PRO C 1 16 ? -0.236  -5.122  -3.378  1.00 13.21 ? 76  PRO C CA  1 
ATOM   481 C C   . PRO C 1 16 ? 0.943   -4.986  -4.332  1.00 12.69 ? 76  PRO C C   1 
ATOM   482 O O   . PRO C 1 16 ? 1.297   -3.880  -4.745  1.00 12.22 ? 76  PRO C O   1 
ATOM   483 C CB  . PRO C 1 16 ? -1.530  -5.478  -4.103  1.00 13.13 ? 76  PRO C CB  1 
ATOM   484 C CG  . PRO C 1 16 ? -2.144  -4.166  -4.426  1.00 13.20 ? 76  PRO C CG  1 
ATOM   485 C CD  . PRO C 1 16 ? -1.726  -3.195  -3.342  1.00 12.36 ? 76  PRO C CD  1 
HETATM 486 N N   . HYP C 1 17 ? 1.574   -6.112  -4.691  1.00 12.88 ? 77  HYP C N   1 
HETATM 487 C CA  . HYP C 1 17 ? 2.717   -6.054  -5.606  1.00 12.32 ? 77  HYP C CA  1 
HETATM 488 C C   . HYP C 1 17 ? 2.377   -5.361  -6.917  1.00 11.08 ? 77  HYP C C   1 
HETATM 489 O O   . HYP C 1 17 ? 1.222   -5.346  -7.345  1.00 11.29 ? 77  HYP C O   1 
HETATM 490 C CB  . HYP C 1 17 ? 3.087   -7.521  -5.818  1.00 13.38 ? 77  HYP C CB  1 
HETATM 491 C CG  . HYP C 1 17 ? 2.535   -8.222  -4.624  1.00 14.18 ? 77  HYP C CG  1 
HETATM 492 C CD  . HYP C 1 17 ? 1.277   -7.491  -4.273  1.00 13.66 ? 77  HYP C CD  1 
HETATM 493 O OD1 . HYP C 1 17 ? 3.461   -8.126  -3.540  1.00 16.83 ? 77  HYP C OD1 1 
ATOM   494 N N   . GLY C 1 18 ? 3.389   -4.784  -7.551  1.00 9.81  ? 78  GLY C N   1 
ATOM   495 C CA  . GLY C 1 18 ? 3.168   -4.119  -8.819  1.00 8.28  ? 78  GLY C CA  1 
ATOM   496 C C   . GLY C 1 18 ? 2.943   -5.160  -9.898  1.00 7.48  ? 78  GLY C C   1 
ATOM   497 O O   . GLY C 1 18 ? 3.045   -6.360  -9.631  1.00 7.21  ? 78  GLY C O   1 
ATOM   498 N N   . PRO C 1 19 ? 2.632   -4.737  -11.130 1.00 6.91  ? 79  PRO C N   1 
ATOM   499 C CA  . PRO C 1 19 ? 2.402   -5.687  -12.219 1.00 6.60  ? 79  PRO C CA  1 
ATOM   500 C C   . PRO C 1 19 ? 3.696   -6.282  -12.759 1.00 6.67  ? 79  PRO C C   1 
ATOM   501 O O   . PRO C 1 19 ? 4.787   -5.785  -12.476 1.00 5.83  ? 79  PRO C O   1 
ATOM   502 C CB  . PRO C 1 19 ? 1.678   -4.853  -13.271 1.00 8.15  ? 79  PRO C CB  1 
ATOM   503 C CG  . PRO C 1 19 ? 2.163   -3.471  -13.041 1.00 7.19  ? 79  PRO C CG  1 
ATOM   504 C CD  . PRO C 1 19 ? 2.462   -3.341  -11.569 1.00 7.37  ? 79  PRO C CD  1 
HETATM 505 N N   . HYP C 1 20 ? 3.590   -7.372  -13.532 1.00 7.31  ? 80  HYP C N   1 
HETATM 506 C CA  . HYP C 1 20 ? 4.784   -8.000  -14.097 1.00 7.48  ? 80  HYP C CA  1 
HETATM 507 C C   . HYP C 1 20 ? 5.526   -7.002  -14.973 1.00 7.36  ? 80  HYP C C   1 
HETATM 508 O O   . HYP C 1 20 ? 4.918   -6.081  -15.528 1.00 8.28  ? 80  HYP C O   1 
HETATM 509 C CB  . HYP C 1 20 ? 4.227   -9.164  -14.913 1.00 8.89  ? 80  HYP C CB  1 
HETATM 510 C CG  . HYP C 1 20 ? 2.899   -9.446  -14.313 1.00 9.14  ? 80  HYP C CG  1 
HETATM 511 C CD  . HYP C 1 20 ? 2.367   -8.095  -13.918 1.00 9.06  ? 80  HYP C CD  1 
HETATM 512 O OD1 . HYP C 1 20 ? 3.060   -10.260 -13.142 1.00 10.32 ? 80  HYP C OD1 1 
ATOM   513 N N   . GLY C 1 21 ? 6.835   -7.186  -15.105 1.00 6.95  ? 81  GLY C N   1 
ATOM   514 C CA  . GLY C 1 21 ? 7.618   -6.282  -15.924 1.00 6.46  ? 81  GLY C CA  1 
ATOM   515 C C   . GLY C 1 21 ? 7.410   -6.571  -17.399 1.00 5.93  ? 81  GLY C C   1 
ATOM   516 O O   . GLY C 1 21 ? 6.719   -7.533  -17.753 1.00 5.38  ? 81  GLY C O   1 
ATOM   517 N N   . PRO C 1 22 ? 7.980   -5.746  -18.285 1.00 5.63  ? 82  PRO C N   1 
ATOM   518 C CA  . PRO C 1 22 ? 7.836   -5.952  -19.726 1.00 4.87  ? 82  PRO C CA  1 
ATOM   519 C C   . PRO C 1 22 ? 8.738   -7.087  -20.202 1.00 4.42  ? 82  PRO C C   1 
ATOM   520 O O   . PRO C 1 22 ? 9.568   -7.599  -19.448 1.00 3.24  ? 82  PRO C O   1 
ATOM   521 C CB  . PRO C 1 22 ? 8.250   -4.609  -20.315 1.00 6.02  ? 82  PRO C CB  1 
ATOM   522 C CG  . PRO C 1 22 ? 9.257   -4.102  -19.355 1.00 7.04  ? 82  PRO C CG  1 
ATOM   523 C CD  . PRO C 1 22 ? 8.794   -4.554  -17.986 1.00 7.36  ? 82  PRO C CD  1 
HETATM 524 N N   . HYP C 1 23 ? 8.577   -7.509  -21.461 1.00 5.32  ? 83  HYP C N   1 
HETATM 525 C CA  . HYP C 1 23 ? 9.408   -8.590  -21.990 1.00 4.98  ? 83  HYP C CA  1 
HETATM 526 C C   . HYP C 1 23 ? 10.897  -8.268  -21.984 1.00 4.99  ? 83  HYP C C   1 
HETATM 527 O O   . HYP C 1 23 ? 11.293  -7.104  -22.094 1.00 4.63  ? 83  HYP C O   1 
HETATM 528 C CB  . HYP C 1 23 ? 8.894   -8.773  -23.417 1.00 6.39  ? 83  HYP C CB  1 
HETATM 529 C CG  . HYP C 1 23 ? 7.527   -8.192  -23.403 1.00 5.70  ? 83  HYP C CG  1 
HETATM 530 C CD  . HYP C 1 23 ? 7.600   -7.040  -22.457 1.00 5.82  ? 83  HYP C CD  1 
HETATM 531 O OD1 . HYP C 1 23 ? 6.603   -9.157  -22.904 1.00 6.84  ? 83  HYP C OD1 1 
ATOM   532 N N   . GLY C 1 24 ? 11.714  -9.309  -21.864 1.00 5.56  ? 84  GLY C N   1 
ATOM   533 C CA  . GLY C 1 24 ? 13.156  -9.132  -21.890 1.00 5.26  ? 84  GLY C CA  1 
ATOM   534 C C   . GLY C 1 24 ? 13.629  -8.902  -23.316 1.00 6.74  ? 84  GLY C C   1 
ATOM   535 O O   . GLY C 1 24 ? 12.834  -8.967  -24.261 1.00 6.75  ? 84  GLY C O   1 
ATOM   536 N N   . PRO C 1 25 ? 14.923  -8.623  -23.515 1.00 7.62  ? 85  PRO C N   1 
ATOM   537 C CA  . PRO C 1 25 ? 15.441  -8.390  -24.865 1.00 8.63  ? 85  PRO C CA  1 
ATOM   538 C C   . PRO C 1 25 ? 15.572  -9.670  -25.680 1.00 9.02  ? 85  PRO C C   1 
ATOM   539 O O   . PRO C 1 25 ? 15.545  -10.775 -25.133 1.00 8.19  ? 85  PRO C O   1 
ATOM   540 C CB  . PRO C 1 25 ? 16.795  -7.734  -24.618 1.00 9.08  ? 85  PRO C CB  1 
ATOM   541 C CG  . PRO C 1 25 ? 17.222  -8.253  -23.307 1.00 8.93  ? 85  PRO C CG  1 
ATOM   542 C CD  . PRO C 1 25 ? 15.976  -8.503  -22.491 1.00 8.83  ? 85  PRO C CD  1 
HETATM 543 N N   . HYP C 1 26 ? 15.703  -9.536  -27.010 1.00 10.53 ? 86  HYP C N   1 
HETATM 544 C CA  . HYP C 1 26 ? 15.844  -10.717 -27.866 1.00 11.36 ? 86  HYP C CA  1 
HETATM 545 C C   . HYP C 1 26 ? 17.092  -11.500 -27.477 1.00 12.56 ? 86  HYP C C   1 
HETATM 546 O O   . HYP C 1 26 ? 18.041  -10.935 -26.936 1.00 12.88 ? 86  HYP C O   1 
HETATM 547 C CB  . HYP C 1 26 ? 15.978  -10.136 -29.275 1.00 11.84 ? 86  HYP C CB  1 
HETATM 548 C CG  . HYP C 1 26 ? 15.446  -8.760  -29.183 1.00 11.15 ? 86  HYP C CG  1 
HETATM 549 C CD  . HYP C 1 26 ? 15.721  -8.286  -27.788 1.00 11.08 ? 86  HYP C CD  1 
HETATM 550 O OD1 . HYP C 1 26 ? 14.038  -8.782  -29.415 1.00 14.43 ? 86  HYP C OD1 1 
ATOM   551 N N   . GLY C 1 27 ? 17.092  -12.799 -27.751 1.00 13.81 ? 87  GLY C N   1 
ATOM   552 C CA  . GLY C 1 27 ? 18.261  -13.598 -27.434 1.00 15.82 ? 87  GLY C CA  1 
ATOM   553 C C   . GLY C 1 27 ? 19.339  -13.328 -28.467 1.00 18.05 ? 87  GLY C C   1 
ATOM   554 O O   . GLY C 1 27 ? 19.111  -12.562 -29.406 1.00 17.29 ? 87  GLY C O   1 
ATOM   555 N N   . PRO C 1 28 ? 20.529  -13.926 -28.325 1.00 20.36 ? 88  PRO C N   1 
ATOM   556 C CA  . PRO C 1 28 ? 21.596  -13.691 -29.306 1.00 21.96 ? 88  PRO C CA  1 
ATOM   557 C C   . PRO C 1 28 ? 21.280  -14.340 -30.655 1.00 23.72 ? 88  PRO C C   1 
ATOM   558 O O   . PRO C 1 28 ? 20.613  -15.374 -30.712 1.00 23.24 ? 88  PRO C O   1 
ATOM   559 C CB  . PRO C 1 28 ? 22.828  -14.306 -28.649 1.00 22.47 ? 88  PRO C CB  1 
ATOM   560 C CG  . PRO C 1 28 ? 22.282  -15.349 -27.736 1.00 21.68 ? 88  PRO C CG  1 
ATOM   561 C CD  . PRO C 1 28 ? 20.953  -14.836 -27.248 1.00 21.16 ? 88  PRO C CD  1 
HETATM 562 N N   . HYP C 1 29 ? 21.744  -13.731 -31.762 1.00 25.60 ? 89  HYP C N   1 
HETATM 563 C CA  . HYP C 1 29 ? 21.493  -14.281 -33.101 1.00 25.96 ? 89  HYP C CA  1 
HETATM 564 C C   . HYP C 1 29 ? 21.917  -15.743 -33.222 1.00 25.68 ? 89  HYP C C   1 
HETATM 565 O O   . HYP C 1 29 ? 22.928  -16.153 -32.650 1.00 25.75 ? 89  HYP C O   1 
HETATM 566 C CB  . HYP C 1 29 ? 22.310  -13.377 -34.026 1.00 27.06 ? 89  HYP C CB  1 
HETATM 567 C CG  . HYP C 1 29 ? 22.459  -12.101 -33.277 1.00 27.05 ? 89  HYP C CG  1 
HETATM 568 C CD  . HYP C 1 29 ? 22.521  -12.478 -31.819 1.00 26.63 ? 89  HYP C CD  1 
HETATM 569 O OD1 . HYP C 1 29 ? 21.318  -11.263 -33.515 1.00 28.68 ? 89  HYP C OD1 1 
HETATM 570 O O   . HOH D 2 .  ? 8.854   -12.251 -25.519 1.00 11.63 ? 101 HOH A O   1 
HETATM 571 O O   . HOH D 2 .  ? -18.830 11.572  21.245  1.00 11.70 ? 114 HOH A O   1 
HETATM 572 O O   . HOH D 2 .  ? -0.844  7.388   -2.873  1.00 34.04 ? 115 HOH A O   1 
HETATM 573 O O   . HOH D 2 .  ? 12.657  -14.328 -14.120 1.00 10.78 ? 116 HOH A O   1 
HETATM 574 O O   . HOH D 2 .  ? 8.419   -15.226 -14.474 1.00 32.41 ? 117 HOH A O   1 
HETATM 575 O O   . HOH D 2 .  ? 18.756  -15.766 -35.197 1.00 25.32 ? 125 HOH A O   1 
HETATM 576 O O   . HOH D 2 .  ? 13.835  -11.808 -32.422 1.00 28.10 ? 129 HOH A O   1 
HETATM 577 O O   . HOH D 2 .  ? 10.236  -16.091 -25.348 1.00 13.18 ? 130 HOH A O   1 
HETATM 578 O O   . HOH D 2 .  ? -19.341 8.744   23.575  1.00 22.29 ? 131 HOH A O   1 
HETATM 579 O O   . HOH D 2 .  ? -17.455 7.724   21.660  1.00 10.83 ? 132 HOH A O   1 
HETATM 580 O O   . HOH D 2 .  ? -17.407 7.361   30.224  1.00 19.50 ? 133 HOH A O   1 
HETATM 581 O O   . HOH D 2 .  ? -2.169  9.603   10.819  1.00 25.79 ? 135 HOH A O   1 
HETATM 582 O O   . HOH D 2 .  ? 14.037  -17.625 -19.657 1.00 13.20 ? 140 HOH A O   1 
HETATM 583 O O   . HOH D 2 .  ? 10.589  -14.074 -15.822 1.00 9.56  ? 144 HOH A O   1 
HETATM 584 O O   . HOH D 2 .  ? 10.549  -16.654 -16.981 1.00 10.35 ? 145 HOH A O   1 
HETATM 585 O O   . HOH D 2 .  ? 8.784   -10.034 -26.825 1.00 34.57 ? 148 HOH A O   1 
HETATM 586 O O   . HOH D 2 .  ? 8.501   -15.192 -23.459 1.00 20.53 ? 149 HOH A O   1 
HETATM 587 O O   . HOH D 2 .  ? 11.070  -0.974  -8.673  1.00 14.17 ? 150 HOH A O   1 
HETATM 588 O O   . HOH D 2 .  ? 9.589   -0.055  -4.366  1.00 17.83 ? 153 HOH A O   1 
HETATM 589 O O   . HOH D 2 .  ? -19.422 9.059   19.901  1.00 10.16 ? 166 HOH A O   1 
HETATM 590 O O   . HOH D 2 .  ? -6.650  6.293   4.492   1.00 22.25 ? 167 HOH A O   1 
HETATM 591 O O   . HOH D 2 .  ? -15.844 9.763   14.527  1.00 23.99 ? 169 HOH A O   1 
HETATM 592 O O   . HOH D 2 .  ? 6.702   -0.935  4.588   1.00 26.27 ? 174 HOH A O   1 
HETATM 593 O O   . HOH D 2 .  ? -2.004  7.033   10.177  1.00 20.40 ? 175 HOH A O   1 
HETATM 594 O O   . HOH D 2 .  ? 8.767   -7.790  -5.222  1.00 27.78 ? 177 HOH A O   1 
HETATM 595 O O   . HOH D 2 .  ? -13.160 11.816  14.162  1.00 20.49 ? 179 HOH A O   1 
HETATM 596 O O   . HOH D 2 .  ? 10.718  1.481   -9.767  1.00 12.52 ? 181 HOH A O   1 
HETATM 597 O O   . HOH D 2 .  ? 12.557  -9.490  -8.784  1.00 21.23 ? 194 HOH A O   1 
HETATM 598 O O   . HOH D 2 .  ? -17.139 9.794   30.958  1.00 22.15 ? 195 HOH A O   1 
HETATM 599 O O   . HOH D 2 .  ? -14.040 6.192   27.747  1.00 15.56 ? 200 HOH A O   1 
HETATM 600 O O   . HOH D 2 .  ? -13.580 7.186   32.406  1.00 17.31 ? 204 HOH A O   1 
HETATM 601 O O   . HOH D 2 .  ? 0.809   5.647   -0.403  1.00 31.30 ? 209 HOH A O   1 
HETATM 602 O O   . HOH D 2 .  ? 6.718   -13.070 -14.853 1.00 21.69 ? 211 HOH A O   1 
HETATM 603 O O   . HOH D 2 .  ? 13.504  -20.777 -29.334 1.00 15.38 ? 214 HOH A O   1 
HETATM 604 O O   . HOH D 2 .  ? 8.476   -14.615 -27.210 1.00 23.24 ? 215 HOH A O   1 
HETATM 605 O O   . HOH D 2 .  ? -15.300 9.561   32.656  1.00 17.38 ? 219 HOH A O   1 
HETATM 606 O O   . HOH D 2 .  ? 6.389   -9.113  -6.721  1.00 30.04 ? 222 HOH A O   1 
HETATM 607 O O   . HOH D 2 .  ? 6.626   2.965   -5.107  1.00 19.40 ? 233 HOH A O   1 
HETATM 608 O O   . HOH D 2 .  ? 7.155   0.760   -3.676  1.00 26.84 ? 238 HOH A O   1 
HETATM 609 O O   . HOH D 2 .  ? 10.978  -18.661 -25.138 1.00 32.83 ? 239 HOH A O   1 
HETATM 610 O O   . HOH D 2 .  ? 14.002  -3.092  -6.755  1.00 30.05 ? 241 HOH A O   1 
HETATM 611 O O   . HOH D 2 .  ? -17.424 3.829   19.118  1.00 23.53 ? 243 HOH A O   1 
HETATM 612 O O   . HOH D 2 .  ? 12.633  -6.331  -5.475  1.00 30.72 ? 244 HOH A O   1 
HETATM 613 O O   . HOH D 2 .  ? 12.808  -6.292  -8.385  1.00 29.67 ? 246 HOH A O   1 
HETATM 614 O O   . HOH D 2 .  ? 4.190   -10.885 -6.929  1.00 20.25 ? 247 HOH A O   1 
HETATM 615 O O   . HOH D 2 .  ? 13.131  -3.917  -9.283  1.00 31.43 ? 257 HOH A O   1 
HETATM 616 O O   . HOH D 2 .  ? -3.479  9.444   3.416   1.00 34.72 ? 262 HOH A O   1 
HETATM 617 O O   . HOH D 2 .  ? -4.757  3.511   -4.311  1.00 30.85 ? 263 HOH A O   1 
HETATM 618 O O   . HOH D 2 .  ? -15.562 15.367  37.377  1.00 37.64 ? 265 HOH A O   1 
HETATM 619 O O   . HOH D 2 .  ? -4.822  10.254  9.702   1.00 32.53 ? 266 HOH A O   1 
HETATM 620 O O   . HOH D 2 .  ? 10.568  -7.687  -8.357  1.00 26.60 ? 269 HOH A O   1 
HETATM 621 O O   . HOH E 2 .  ? 17.783  -15.940 -20.534 1.00 10.39 ? 104 HOH B O   1 
HETATM 622 O O   . HOH E 2 .  ? 11.195  -2.681  -11.031 1.00 15.13 ? 105 HOH B O   1 
HETATM 623 O O   . HOH E 2 .  ? 15.784  1.914   -17.634 1.00 15.68 ? 106 HOH B O   1 
HETATM 624 O O   . HOH E 2 .  ? 0.813   3.274   -7.429  1.00 18.50 ? 107 HOH B O   1 
HETATM 625 O O   . HOH E 2 .  ? 22.342  -17.811 -23.631 1.00 20.81 ? 110 HOH B O   1 
HETATM 626 O O   . HOH E 2 .  ? -18.262 22.972  34.118  1.00 30.84 ? 112 HOH B O   1 
HETATM 627 O O   . HOH E 2 .  ? 1.742   0.005   -10.576 1.00 22.31 ? 120 HOH B O   1 
HETATM 628 O O   . HOH E 2 .  ? -11.475 18.796  26.475  1.00 14.61 ? 126 HOH B O   1 
HETATM 629 O O   . HOH E 2 .  ? -9.646  6.007   4.878   1.00 28.86 ? 127 HOH B O   1 
HETATM 630 O O   . HOH E 2 .  ? -16.378 20.916  25.573  1.00 13.97 ? 128 HOH B O   1 
HETATM 631 O O   . HOH E 2 .  ? 18.939  -8.551  -19.713 1.00 19.51 ? 134 HOH B O   1 
HETATM 632 O O   . HOH E 2 .  ? 9.831   -2.053  -15.521 1.00 15.65 ? 136 HOH B O   1 
HETATM 633 O O   . HOH E 2 .  ? -7.220  14.573  23.252  1.00 11.37 ? 137 HOH B O   1 
HETATM 634 O O   . HOH E 2 .  ? -8.959  15.721  27.167  1.00 11.58 ? 138 HOH B O   1 
HETATM 635 O O   . HOH E 2 .  ? 15.232  -17.430 -22.258 1.00 15.93 ? 139 HOH B O   1 
HETATM 636 O O   . HOH E 2 .  ? 15.056  -10.339 -15.793 1.00 17.83 ? 143 HOH B O   1 
HETATM 637 O O   . HOH E 2 .  ? -9.257  1.930   -0.233  1.00 27.39 ? 146 HOH B O   1 
HETATM 638 O O   . HOH E 2 .  ? -10.058 8.006   26.564  1.00 12.98 ? 156 HOH B O   1 
HETATM 639 O O   . HOH E 2 .  ? 9.432   -0.276  -12.646 1.00 17.37 ? 161 HOH B O   1 
HETATM 640 O O   . HOH E 2 .  ? -9.878  3.732   6.344   1.00 27.36 ? 162 HOH B O   1 
HETATM 641 O O   . HOH E 2 .  ? 20.222  -15.854 -23.979 1.00 20.34 ? 163 HOH B O   1 
HETATM 642 O O   . HOH E 2 .  ? 16.710  -17.286 -18.544 1.00 11.06 ? 164 HOH B O   1 
HETATM 643 O O   . HOH E 2 .  ? 8.910   -0.683  -17.533 1.00 19.43 ? 168 HOH B O   1 
HETATM 644 O O   . HOH E 2 .  ? -11.759 3.155   15.960  1.00 22.33 ? 171 HOH B O   1 
HETATM 645 O O   . HOH E 2 .  ? -7.546  17.003  21.756  1.00 8.40  ? 172 HOH B O   1 
HETATM 646 O O   . HOH E 2 .  ? 13.787  -1.746  -14.575 1.00 31.97 ? 176 HOH B O   1 
HETATM 647 O O   . HOH E 2 .  ? 20.451  -9.367  -24.066 1.00 20.06 ? 180 HOH B O   1 
HETATM 648 O O   . HOH E 2 .  ? 4.052   2.631   -7.135  1.00 37.53 ? 182 HOH B O   1 
HETATM 649 O O   . HOH E 2 .  ? -7.750  1.795   15.988  1.00 10.01 ? 185 HOH B O   1 
HETATM 650 O O   . HOH E 2 .  ? -4.318  -1.774  11.678  1.00 12.98 ? 186 HOH B O   1 
HETATM 651 O O   . HOH E 2 .  ? -7.499  8.157   22.909  1.00 20.44 ? 187 HOH B O   1 
HETATM 652 O O   . HOH E 2 .  ? -12.591 6.650   24.934  1.00 17.07 ? 188 HOH B O   1 
HETATM 653 O O   . HOH E 2 .  ? 22.401  -13.806 -24.422 1.00 25.17 ? 197 HOH B O   1 
HETATM 654 O O   . HOH E 2 .  ? -5.516  1.390   17.349  1.00 15.19 ? 199 HOH B O   1 
HETATM 655 O O   . HOH E 2 .  ? -11.304 6.407   28.528  1.00 10.99 ? 201 HOH B O   1 
HETATM 656 O O   . HOH E 2 .  ? 14.349  -0.860  -17.190 1.00 25.64 ? 202 HOH B O   1 
HETATM 657 O O   . HOH E 2 .  ? -6.927  1.129   -1.377  1.00 27.06 ? 206 HOH B O   1 
HETATM 658 O O   . HOH E 2 .  ? 2.627   0.854   -13.071 1.00 14.63 ? 208 HOH B O   1 
HETATM 659 O O   . HOH E 2 .  ? -8.197  -1.050  2.300   1.00 33.76 ? 212 HOH B O   1 
HETATM 660 O O   . HOH E 2 .  ? 12.589  -18.561 -22.784 1.00 23.55 ? 213 HOH B O   1 
HETATM 661 O O   . HOH E 2 .  ? -13.272 22.949  29.546  1.00 26.77 ? 216 HOH B O   1 
HETATM 662 O O   . HOH E 2 .  ? -18.635 21.835  31.384  1.00 29.76 ? 221 HOH B O   1 
HETATM 663 O O   . HOH E 2 .  ? -16.454 22.607  29.138  1.00 41.74 ? 223 HOH B O   1 
HETATM 664 O O   . HOH E 2 .  ? -7.602  -0.552  14.690  1.00 13.44 ? 227 HOH B O   1 
HETATM 665 O O   . HOH E 2 .  ? -15.186 5.250   24.023  1.00 21.27 ? 229 HOH B O   1 
HETATM 666 O O   . HOH E 2 .  ? 12.405  -0.648  -12.783 1.00 27.18 ? 231 HOH B O   1 
HETATM 667 O O   . HOH E 2 .  ? 16.271  -21.183 -29.394 1.00 31.15 ? 232 HOH B O   1 
HETATM 668 O O   . HOH E 2 .  ? -11.473 16.406  27.971  1.00 16.56 ? 234 HOH B O   1 
HETATM 669 O O   . HOH E 2 .  ? 11.663  -1.308  -17.722 1.00 26.09 ? 237 HOH B O   1 
HETATM 670 O O   . HOH E 2 .  ? 16.724  -19.481 -22.747 1.00 35.59 ? 240 HOH B O   1 
HETATM 671 O O   . HOH E 2 .  ? 6.511   -1.355  -17.094 1.00 23.43 ? 242 HOH B O   1 
HETATM 672 O O   . HOH E 2 .  ? -11.229 21.929  28.306  1.00 31.25 ? 245 HOH B O   1 
HETATM 673 O O   . HOH E 2 .  ? -10.067 0.785   8.004   1.00 29.30 ? 252 HOH B O   1 
HETATM 674 O O   . HOH E 2 .  ? -1.055  -7.192  -0.825  1.00 35.82 ? 264 HOH B O   1 
HETATM 675 O O   . HOH E 2 .  ? 16.589  -8.253  -18.823 1.00 25.17 ? 267 HOH B O   1 
HETATM 676 O O   . HOH E 2 .  ? -10.931 17.775  30.301  1.00 27.63 ? 268 HOH B O   1 
HETATM 677 O O   . HOH F 2 .  ? 20.517  -11.111 -26.095 1.00 27.77 ? 102 HOH C O   1 
HETATM 678 O O   . HOH F 2 .  ? -17.165 18.447  21.287  1.00 29.45 ? 103 HOH C O   1 
HETATM 679 O O   . HOH F 2 .  ? -7.098  12.729  21.273  1.00 15.59 ? 108 HOH C O   1 
HETATM 680 O O   . HOH F 2 .  ? 1.858   0.342   7.140   1.00 24.94 ? 113 HOH C O   1 
HETATM 681 O O   . HOH F 2 .  ? -13.321 14.432  14.505  1.00 26.16 ? 118 HOH C O   1 
HETATM 682 O O   . HOH F 2 .  ? 8.208   -3.570  -24.372 1.00 30.75 ? 119 HOH C O   1 
HETATM 683 O O   . HOH F 2 .  ? -0.524  -7.381  -7.509  1.00 22.88 ? 121 HOH C O   1 
HETATM 684 O O   . HOH F 2 .  ? -8.298  13.877  16.233  1.00 19.92 ? 122 HOH C O   1 
HETATM 685 O O   . HOH F 2 .  ? -0.519  -0.049  10.576  1.00 14.98 ? 123 HOH C O   1 
HETATM 686 O O   . HOH F 2 .  ? -3.341  -1.454  9.313   1.00 13.12 ? 124 HOH C O   1 
HETATM 687 O O   . HOH F 2 .  ? -18.481 15.078  19.306  1.00 31.32 ? 141 HOH C O   1 
HETATM 688 O O   . HOH F 2 .  ? -21.335 12.937  21.811  1.00 17.48 ? 142 HOH C O   1 
HETATM 689 O O   . HOH F 2 .  ? 2.343   -6.100  -16.857 1.00 17.49 ? 154 HOH C O   1 
HETATM 690 O O   . HOH F 2 .  ? 4.174   -12.643 -13.781 1.00 16.68 ? 155 HOH C O   1 
HETATM 691 O O   . HOH F 2 .  ? 6.244   -10.919 -24.994 1.00 15.76 ? 157 HOH C O   1 
HETATM 692 O O   . HOH F 2 .  ? -0.563  -4.516  -9.735  1.00 16.00 ? 160 HOH C O   1 
HETATM 693 O O   . HOH F 2 .  ? -1.378  -3.633  9.177   1.00 22.35 ? 170 HOH C O   1 
HETATM 694 O O   . HOH F 2 .  ? -10.321 14.679  14.469  1.00 28.55 ? 173 HOH C O   1 
HETATM 695 O O   . HOH F 2 .  ? -3.497  5.197   15.651  1.00 19.41 ? 178 HOH C O   1 
HETATM 696 O O   . HOH F 2 .  ? -16.371 15.919  20.569  1.00 15.86 ? 183 HOH C O   1 
HETATM 697 O O   . HOH F 2 .  ? -5.456  -2.588  8.080   1.00 19.84 ? 184 HOH C O   1 
HETATM 698 O O   . HOH F 2 .  ? -4.862  -1.294  5.357   1.00 32.96 ? 189 HOH C O   1 
HETATM 699 O O   . HOH F 2 .  ? 14.235  -5.306  -22.518 1.00 36.42 ? 190 HOH C O   1 
HETATM 700 O O   . HOH F 2 .  ? 10.486  -4.795  -23.168 1.00 9.74  ? 191 HOH C O   1 
HETATM 701 O O   . HOH F 2 .  ? 11.381  -7.688  -26.243 1.00 20.92 ? 192 HOH C O   1 
HETATM 702 O O   . HOH F 2 .  ? 0.904   -8.135  -9.935  1.00 13.99 ? 196 HOH C O   1 
HETATM 703 O O   . HOH F 2 .  ? -0.997  -6.836  -11.346 1.00 15.95 ? 198 HOH C O   1 
HETATM 704 O O   . HOH F 2 .  ? 16.309  -5.232  -20.681 1.00 18.00 ? 203 HOH C O   1 
HETATM 705 O O   . HOH F 2 .  ? -19.545 20.287  22.848  1.00 25.76 ? 207 HOH C O   1 
HETATM 706 O O   . HOH F 2 .  ? -1.625  -1.369  12.881  1.00 12.75 ? 210 HOH C O   1 
HETATM 707 O O   . HOH F 2 .  ? -17.362 19.051  23.797  1.00 19.11 ? 217 HOH C O   1 
HETATM 708 O O   . HOH F 2 .  ? -13.928 18.916  21.962  1.00 31.24 ? 218 HOH C O   1 
HETATM 709 O O   . HOH F 2 .  ? 11.878  -7.329  -28.920 1.00 24.66 ? 220 HOH C O   1 
HETATM 710 O O   . HOH F 2 .  ? -8.789  15.421  18.958  1.00 19.34 ? 224 HOH C O   1 
HETATM 711 O O   . HOH F 2 .  ? 1.984   0.107   9.864   1.00 30.78 ? 225 HOH C O   1 
HETATM 712 O O   . HOH F 2 .  ? -15.478 16.876  18.291  1.00 18.18 ? 228 HOH C O   1 
HETATM 713 O O   . HOH F 2 .  ? -5.624  14.840  19.174  1.00 26.30 ? 230 HOH C O   1 
HETATM 714 O O   . HOH F 2 .  ? 4.546   -4.117  -19.801 1.00 24.31 ? 236 HOH C O   1 
HETATM 715 O O   . HOH F 2 .  ? -3.195  -7.093  -7.498  1.00 30.75 ? 248 HOH C O   1 
HETATM 716 O O   . HOH F 2 .  ? 4.966   -3.638  -16.935 1.00 29.07 ? 249 HOH C O   1 
HETATM 717 O O   . HOH F 2 .  ? -2.162  8.481   15.963  1.00 34.09 ? 251 HOH C O   1 
HETATM 718 O O   . HOH F 2 .  ? 1.803   -6.587  -0.381  1.00 39.12 ? 254 HOH C O   1 
HETATM 719 O O   . HOH F 2 .  ? 6.000   -9.202  -4.118  1.00 35.47 ? 255 HOH C O   1 
HETATM 720 O O   . HOH F 2 .  ? 3.538   -6.270  1.560   1.00 28.46 ? 259 HOH C O   1 
HETATM 721 O O   . HOH F 2 .  ? 1.318   -3.128  8.796   1.00 34.87 ? 261 HOH C O   1 
HETATM 722 O O   . HOH F 2 .  ? 19.839  -9.647  -29.470 1.00 30.01 ? 270 HOH C O   1 
# 
